data_1K8P
# 
_entry.id   1K8P 
# 
_audit_conform.dict_name       mmcif_pdbx.dic 
_audit_conform.dict_version    5.386 
_audit_conform.dict_location   http://mmcif.pdb.org/dictionaries/ascii/mmcif_pdbx.dic 
# 
loop_
_database_2.database_id 
_database_2.database_code 
_database_2.pdbx_database_accession 
_database_2.pdbx_DOI 
PDB   1K8P         pdb_00001k8p 10.2210/pdb1k8p/pdb 
NDB   UD0016       ?            ?                   
RCSB  RCSB014699   ?            ?                   
WWPDB D_1000014699 ?            ?                   
# 
loop_
_pdbx_audit_revision_history.ordinal 
_pdbx_audit_revision_history.data_content_type 
_pdbx_audit_revision_history.major_revision 
_pdbx_audit_revision_history.minor_revision 
_pdbx_audit_revision_history.revision_date 
1 'Structure model' 1 0 2002-05-31 
2 'Structure model' 1 1 2008-04-27 
3 'Structure model' 1 2 2011-07-13 
4 'Structure model' 1 3 2019-07-24 
5 'Structure model' 1 4 2021-02-03 
6 'Structure model' 1 5 2024-02-07 
# 
_pdbx_audit_revision_details.ordinal             1 
_pdbx_audit_revision_details.revision_ordinal    1 
_pdbx_audit_revision_details.data_content_type   'Structure model' 
_pdbx_audit_revision_details.provider            repository 
_pdbx_audit_revision_details.type                'Initial release' 
_pdbx_audit_revision_details.description         ? 
_pdbx_audit_revision_details.details             ? 
# 
loop_
_pdbx_audit_revision_group.ordinal 
_pdbx_audit_revision_group.revision_ordinal 
_pdbx_audit_revision_group.data_content_type 
_pdbx_audit_revision_group.group 
1  2 'Structure model' 'Version format compliance' 
2  3 'Structure model' 'Version format compliance' 
3  4 'Structure model' Advisory                    
4  4 'Structure model' 'Data collection'           
5  4 'Structure model' 'Derived calculations'      
6  4 'Structure model' 'Refinement description'    
7  5 'Structure model' 'Database references'       
8  5 'Structure model' 'Derived calculations'      
9  6 'Structure model' Advisory                    
10 6 'Structure model' 'Data collection'           
11 6 'Structure model' 'Database references'       
# 
loop_
_pdbx_audit_revision_category.ordinal 
_pdbx_audit_revision_category.revision_ordinal 
_pdbx_audit_revision_category.data_content_type 
_pdbx_audit_revision_category.category 
1  4 'Structure model' pdbx_unobs_or_zero_occ_atoms    
2  4 'Structure model' pdbx_unobs_or_zero_occ_residues 
3  4 'Structure model' software                        
4  4 'Structure model' struct_conn                     
5  5 'Structure model' citation                        
6  5 'Structure model' pdbx_struct_conn_angle          
7  5 'Structure model' struct_conn                     
8  5 'Structure model' struct_conn_type                
9  5 'Structure model' struct_site                     
10 6 'Structure model' chem_comp_atom                  
11 6 'Structure model' chem_comp_bond                  
12 6 'Structure model' database_2                      
13 6 'Structure model' pdbx_unobs_or_zero_occ_atoms    
14 6 'Structure model' pdbx_unobs_or_zero_occ_residues 
# 
loop_
_pdbx_audit_revision_item.ordinal 
_pdbx_audit_revision_item.revision_ordinal 
_pdbx_audit_revision_item.data_content_type 
_pdbx_audit_revision_item.item 
1  4 'Structure model' '_struct_conn.pdbx_leaving_atom_flag'         
2  5 'Structure model' '_citation.country'                           
3  5 'Structure model' '_citation.pdbx_database_id_patent'           
4  5 'Structure model' '_citation.title'                             
5  5 'Structure model' '_citation.year'                              
6  5 'Structure model' '_pdbx_struct_conn_angle.ptnr1_auth_asym_id'  
7  5 'Structure model' '_pdbx_struct_conn_angle.ptnr1_auth_comp_id'  
8  5 'Structure model' '_pdbx_struct_conn_angle.ptnr1_auth_seq_id'   
9  5 'Structure model' '_pdbx_struct_conn_angle.ptnr1_label_asym_id' 
10 5 'Structure model' '_pdbx_struct_conn_angle.ptnr1_label_atom_id' 
11 5 'Structure model' '_pdbx_struct_conn_angle.ptnr1_label_comp_id' 
12 5 'Structure model' '_pdbx_struct_conn_angle.ptnr1_label_seq_id'  
13 5 'Structure model' '_pdbx_struct_conn_angle.ptnr3_auth_asym_id'  
14 5 'Structure model' '_pdbx_struct_conn_angle.ptnr3_auth_comp_id'  
15 5 'Structure model' '_pdbx_struct_conn_angle.ptnr3_auth_seq_id'   
16 5 'Structure model' '_pdbx_struct_conn_angle.ptnr3_label_asym_id' 
17 5 'Structure model' '_pdbx_struct_conn_angle.ptnr3_label_atom_id' 
18 5 'Structure model' '_pdbx_struct_conn_angle.ptnr3_label_comp_id' 
19 5 'Structure model' '_pdbx_struct_conn_angle.ptnr3_label_seq_id'  
20 5 'Structure model' '_pdbx_struct_conn_angle.value'               
21 5 'Structure model' '_struct_conn.conn_type_id'                   
22 5 'Structure model' '_struct_conn.id'                             
23 5 'Structure model' '_struct_conn.pdbx_dist_value'                
24 5 'Structure model' '_struct_conn.pdbx_leaving_atom_flag'         
25 5 'Structure model' '_struct_conn.ptnr1_auth_asym_id'             
26 5 'Structure model' '_struct_conn.ptnr1_auth_comp_id'             
27 5 'Structure model' '_struct_conn.ptnr1_auth_seq_id'              
28 5 'Structure model' '_struct_conn.ptnr1_label_asym_id'            
29 5 'Structure model' '_struct_conn.ptnr1_label_atom_id'            
30 5 'Structure model' '_struct_conn.ptnr1_label_comp_id'            
31 5 'Structure model' '_struct_conn.ptnr1_label_seq_id'             
32 5 'Structure model' '_struct_conn.ptnr2_auth_asym_id'             
33 5 'Structure model' '_struct_conn.ptnr2_auth_comp_id'             
34 5 'Structure model' '_struct_conn.ptnr2_auth_seq_id'              
35 5 'Structure model' '_struct_conn.ptnr2_label_asym_id'            
36 5 'Structure model' '_struct_conn.ptnr2_label_atom_id'            
37 5 'Structure model' '_struct_conn.ptnr2_label_comp_id'            
38 5 'Structure model' '_struct_conn.ptnr2_label_seq_id'             
39 5 'Structure model' '_struct_conn_type.id'                        
40 5 'Structure model' '_struct_site.pdbx_auth_asym_id'              
41 5 'Structure model' '_struct_site.pdbx_auth_comp_id'              
42 5 'Structure model' '_struct_site.pdbx_auth_seq_id'               
43 6 'Structure model' '_database_2.pdbx_DOI'                        
44 6 'Structure model' '_database_2.pdbx_database_accession'         
# 
_pdbx_database_status.status_code                     REL 
_pdbx_database_status.entry_id                        1K8P 
_pdbx_database_status.recvd_initial_deposition_date   2001-10-25 
_pdbx_database_status.deposit_site                    RCSB 
_pdbx_database_status.process_site                    RCSB 
_pdbx_database_status.status_code_sf                  REL 
_pdbx_database_status.SG_entry                        . 
_pdbx_database_status.pdb_format_compatible           Y 
_pdbx_database_status.status_code_mr                  ? 
_pdbx_database_status.status_code_cs                  ? 
_pdbx_database_status.methods_development_category    ? 
_pdbx_database_status.status_code_nmr_data            ? 
# 
loop_
_audit_author.name 
_audit_author.pdbx_ordinal 
_audit_author.identifier_ORCID 
'Parkinson, G.N.' 1 ? 
'Lee, M.P.H.'     2 ? 
'Neidle, S.'      3 ? 
# 
loop_
_citation.id 
_citation.title 
_citation.journal_abbrev 
_citation.journal_volume 
_citation.page_first 
_citation.page_last 
_citation.year 
_citation.journal_id_ASTM 
_citation.country 
_citation.journal_id_ISSN 
_citation.journal_id_CSD 
_citation.book_publisher 
_citation.pdbx_database_id_PubMed 
_citation.pdbx_database_id_DOI 
_citation.pdbx_database_id_patent 
primary 'Crystal structure of parallel quadruplexes from human telomeric DNA.' Nature 417 876 880 2002 NATUAS UK 0028-0836 0006 ? 
12050675 10.1038/nature755 ?         
1       'Crystal Structure of G-quadruplex'                                    PATENT ?   ?   ?   2002 ?      UK ?         ?    ? 
?        ?                 0207623.0 
# 
loop_
_citation_author.citation_id 
_citation_author.name 
_citation_author.ordinal 
_citation_author.identifier_ORCID 
primary 'Parkinson, G.N.' 1 ? 
primary 'Lee, M.P.'       2 ? 
primary 'Neidle, S.'      3 ? 
1       'Parkinson, G.N.' 4 ? 
1       'Lee, M.P.H.'     5 ? 
1       'Neidle, S.'      6 ? 
# 
loop_
_entity.id 
_entity.type 
_entity.src_method 
_entity.pdbx_description 
_entity.formula_weight 
_entity.pdbx_number_of_molecules 
_entity.pdbx_ec 
_entity.pdbx_mutation 
_entity.pdbx_fragment 
_entity.details 
1 polymer     syn "5'-D(*(BRU)P*AP*GP*GP*GP*(BRU)P*TP*AP*GP*GP*GP*T)-3'" 3903.201 2  ? ? ? ? 
2 non-polymer syn 'POTASSIUM ION'                                        39.098   2  ? ? ? ? 
3 non-polymer syn 'SODIUM ION'                                           22.990   1  ? ? ? ? 
4 water       nat water                                                  18.015   50 ? ? ? ? 
# 
_entity_poly.entity_id                      1 
_entity_poly.type                           polydeoxyribonucleotide 
_entity_poly.nstd_linkage                   no 
_entity_poly.nstd_monomer                   yes 
_entity_poly.pdbx_seq_one_letter_code       '(BRU)(DA)(DG)(DG)(DG)(BRU)(DT)(DA)(DG)(DG)(DG)(DT)' 
_entity_poly.pdbx_seq_one_letter_code_can   UAGGGUTAGGGT 
_entity_poly.pdbx_strand_id                 A,B 
_entity_poly.pdbx_target_identifier         ? 
# 
loop_
_pdbx_entity_nonpoly.entity_id 
_pdbx_entity_nonpoly.name 
_pdbx_entity_nonpoly.comp_id 
2 'POTASSIUM ION' K   
3 'SODIUM ION'    NA  
4 water           HOH 
# 
loop_
_entity_poly_seq.entity_id 
_entity_poly_seq.num 
_entity_poly_seq.mon_id 
_entity_poly_seq.hetero 
1 1  BRU n 
1 2  DA  n 
1 3  DG  n 
1 4  DG  n 
1 5  DG  n 
1 6  BRU n 
1 7  DT  n 
1 8  DA  n 
1 9  DG  n 
1 10 DG  n 
1 11 DG  n 
1 12 DT  n 
# 
_pdbx_entity_src_syn.entity_id              1 
_pdbx_entity_src_syn.pdbx_src_id            1 
_pdbx_entity_src_syn.pdbx_alt_source_flag   sample 
_pdbx_entity_src_syn.pdbx_beg_seq_num       ? 
_pdbx_entity_src_syn.pdbx_end_seq_num       ? 
_pdbx_entity_src_syn.organism_scientific    ? 
_pdbx_entity_src_syn.organism_common_name   ? 
_pdbx_entity_src_syn.ncbi_taxonomy_id       ? 
_pdbx_entity_src_syn.details                'This sequence occurs naturally in humans' 
# 
loop_
_chem_comp.id 
_chem_comp.type 
_chem_comp.mon_nstd_flag 
_chem_comp.name 
_chem_comp.pdbx_synonyms 
_chem_comp.formula 
_chem_comp.formula_weight 
BRU 'DNA linking' n "5-BROMO-2'-DEOXYURIDINE-5'-MONOPHOSPHATE" ? 'C9 H12 Br N2 O8 P' 387.078 
DA  'DNA linking' y "2'-DEOXYADENOSINE-5'-MONOPHOSPHATE"       ? 'C10 H14 N5 O6 P'   331.222 
DG  'DNA linking' y "2'-DEOXYGUANOSINE-5'-MONOPHOSPHATE"       ? 'C10 H14 N5 O7 P'   347.221 
DT  'DNA linking' y "THYMIDINE-5'-MONOPHOSPHATE"               ? 'C10 H15 N2 O8 P'   322.208 
HOH non-polymer   . WATER                                      ? 'H2 O'              18.015  
K   non-polymer   . 'POTASSIUM ION'                            ? 'K 1'               39.098  
NA  non-polymer   . 'SODIUM ION'                               ? 'Na 1'              22.990  
# 
loop_
_pdbx_poly_seq_scheme.asym_id 
_pdbx_poly_seq_scheme.entity_id 
_pdbx_poly_seq_scheme.seq_id 
_pdbx_poly_seq_scheme.mon_id 
_pdbx_poly_seq_scheme.ndb_seq_num 
_pdbx_poly_seq_scheme.pdb_seq_num 
_pdbx_poly_seq_scheme.auth_seq_num 
_pdbx_poly_seq_scheme.pdb_mon_id 
_pdbx_poly_seq_scheme.auth_mon_id 
_pdbx_poly_seq_scheme.pdb_strand_id 
_pdbx_poly_seq_scheme.pdb_ins_code 
_pdbx_poly_seq_scheme.hetero 
A 1 1  BRU 1  1  1  BRU +U A . n 
A 1 2  DA  2  2  2  DA  A  A . n 
A 1 3  DG  3  3  3  DG  G  A . n 
A 1 4  DG  4  4  4  DG  G  A . n 
A 1 5  DG  5  5  5  DG  G  A . n 
A 1 6  BRU 6  6  6  BRU +U A . n 
A 1 7  DT  7  7  7  DT  T  A . n 
A 1 8  DA  8  8  8  DA  A  A . n 
A 1 9  DG  9  9  9  DG  G  A . n 
A 1 10 DG  10 10 10 DG  G  A . n 
A 1 11 DG  11 11 11 DG  G  A . n 
A 1 12 DT  12 12 12 DT  T  A . n 
B 1 1  BRU 1  13 13 BRU +U B . n 
B 1 2  DA  2  14 14 DA  A  B . n 
B 1 3  DG  3  15 15 DG  G  B . n 
B 1 4  DG  4  16 16 DG  G  B . n 
B 1 5  DG  5  17 17 DG  G  B . n 
B 1 6  BRU 6  18 18 BRU +U B . n 
B 1 7  DT  7  19 19 DT  T  B . n 
B 1 8  DA  8  20 20 DA  A  B . n 
B 1 9  DG  9  21 21 DG  G  B . n 
B 1 10 DG  10 22 22 DG  G  B . n 
B 1 11 DG  11 23 23 DG  G  B . n 
B 1 12 DT  12 24 24 DT  T  B . n 
# 
loop_
_pdbx_nonpoly_scheme.asym_id 
_pdbx_nonpoly_scheme.entity_id 
_pdbx_nonpoly_scheme.mon_id 
_pdbx_nonpoly_scheme.ndb_seq_num 
_pdbx_nonpoly_scheme.pdb_seq_num 
_pdbx_nonpoly_scheme.auth_seq_num 
_pdbx_nonpoly_scheme.pdb_mon_id 
_pdbx_nonpoly_scheme.auth_mon_id 
_pdbx_nonpoly_scheme.pdb_strand_id 
_pdbx_nonpoly_scheme.pdb_ins_code 
C 2 K   1  25   25   K   K   A . 
D 2 K   1  26   26   K   K   A . 
E 3 NA  1  27   27   NA  NA  A . 
F 4 HOH 1  2001 2001 HOH HOH A . 
F 4 HOH 2  2002 2002 HOH HOH A . 
F 4 HOH 3  2003 2003 HOH HOH A . 
F 4 HOH 4  2007 2007 HOH HOH A . 
F 4 HOH 5  2008 2008 HOH HOH A . 
F 4 HOH 6  2009 2009 HOH HOH A . 
F 4 HOH 7  2010 2010 HOH HOH A . 
F 4 HOH 8  2013 2013 HOH HOH A . 
F 4 HOH 9  2015 2015 HOH HOH A . 
F 4 HOH 10 2016 2016 HOH HOH A . 
F 4 HOH 11 2017 2017 HOH HOH A . 
F 4 HOH 12 2019 2019 HOH HOH A . 
F 4 HOH 13 2020 2020 HOH HOH A . 
F 4 HOH 14 2022 2022 HOH HOH A . 
F 4 HOH 15 2023 2023 HOH HOH A . 
F 4 HOH 16 2026 2026 HOH HOH A . 
F 4 HOH 17 2029 2029 HOH HOH A . 
F 4 HOH 18 2035 2035 HOH HOH A . 
F 4 HOH 19 2036 2036 HOH HOH A . 
F 4 HOH 20 2037 2037 HOH HOH A . 
F 4 HOH 21 2038 2038 HOH HOH A . 
F 4 HOH 22 2039 2039 HOH HOH A . 
F 4 HOH 23 2040 2040 HOH HOH A . 
F 4 HOH 24 2042 2042 HOH HOH A . 
F 4 HOH 25 2043 2043 HOH HOH A . 
F 4 HOH 26 2047 2047 HOH HOH A . 
F 4 HOH 27 2049 2049 HOH HOH A . 
G 4 HOH 1  2004 2004 HOH HOH B . 
G 4 HOH 2  2005 2005 HOH HOH B . 
G 4 HOH 3  2006 2006 HOH HOH B . 
G 4 HOH 4  2011 2011 HOH HOH B . 
G 4 HOH 5  2012 2012 HOH HOH B . 
G 4 HOH 6  2014 2014 HOH HOH B . 
G 4 HOH 7  2018 2018 HOH HOH B . 
G 4 HOH 8  2021 2021 HOH HOH B . 
G 4 HOH 9  2024 2024 HOH HOH B . 
G 4 HOH 10 2025 2025 HOH HOH B . 
G 4 HOH 11 2027 2027 HOH HOH B . 
G 4 HOH 12 2028 2028 HOH HOH B . 
G 4 HOH 13 2030 2030 HOH HOH B . 
G 4 HOH 14 2031 2031 HOH HOH B . 
G 4 HOH 15 2032 2032 HOH HOH B . 
G 4 HOH 16 2033 2033 HOH HOH B . 
G 4 HOH 17 2034 2034 HOH HOH B . 
G 4 HOH 18 2041 2041 HOH HOH B . 
G 4 HOH 19 2044 2044 HOH HOH B . 
G 4 HOH 20 2045 2045 HOH HOH B . 
G 4 HOH 21 2046 2046 HOH HOH B . 
G 4 HOH 22 2048 2048 HOH HOH B . 
G 4 HOH 23 2050 2050 HOH HOH B . 
# 
loop_
_pdbx_unobs_or_zero_occ_atoms.id 
_pdbx_unobs_or_zero_occ_atoms.PDB_model_num 
_pdbx_unobs_or_zero_occ_atoms.polymer_flag 
_pdbx_unobs_or_zero_occ_atoms.occupancy_flag 
_pdbx_unobs_or_zero_occ_atoms.auth_asym_id 
_pdbx_unobs_or_zero_occ_atoms.auth_comp_id 
_pdbx_unobs_or_zero_occ_atoms.auth_seq_id 
_pdbx_unobs_or_zero_occ_atoms.PDB_ins_code 
_pdbx_unobs_or_zero_occ_atoms.auth_atom_id 
_pdbx_unobs_or_zero_occ_atoms.label_alt_id 
_pdbx_unobs_or_zero_occ_atoms.label_asym_id 
_pdbx_unobs_or_zero_occ_atoms.label_comp_id 
_pdbx_unobs_or_zero_occ_atoms.label_seq_id 
_pdbx_unobs_or_zero_occ_atoms.label_atom_id 
1  1 Y 0 B BRU 18 ? N1    ? B BRU 6 N1    
2  1 Y 0 B BRU 18 ? C2    ? B BRU 6 C2    
3  1 Y 0 B BRU 18 ? N3    ? B BRU 6 N3    
4  1 Y 0 B BRU 18 ? C4    ? B BRU 6 C4    
5  1 Y 0 B BRU 18 ? C5    ? B BRU 6 C5    
6  1 Y 0 B BRU 18 ? C6    ? B BRU 6 C6    
7  1 Y 0 B BRU 18 ? O2    ? B BRU 6 O2    
8  1 Y 0 B BRU 18 ? O4    ? B BRU 6 O4    
9  1 Y 0 B BRU 18 ? BR    ? B BRU 6 BR    
10 1 Y 0 B BRU 18 ? "C1'" ? B BRU 6 "C1'" 
11 1 Y 0 B BRU 18 ? "C2'" ? B BRU 6 "C2'" 
12 1 Y 0 B BRU 18 ? "C3'" ? B BRU 6 "C3'" 
13 1 Y 0 B BRU 18 ? "C4'" ? B BRU 6 "C4'" 
14 1 Y 0 B BRU 18 ? "O3'" ? B BRU 6 "O3'" 
15 1 Y 0 B BRU 18 ? "O4'" ? B BRU 6 "O4'" 
16 1 Y 0 B BRU 18 ? "C5'" ? B BRU 6 "C5'" 
17 1 Y 0 B BRU 18 ? "O5'" ? B BRU 6 "O5'" 
# 
loop_
_software.name 
_software.classification 
_software.version 
_software.citation_id 
_software.pdbx_ordinal 
SHELXL-97 refinement     . ? 1 
CNS       refinement     . ? 2 
SCALEPACK 'data scaling' . ? 3 
CNS       phasing        . ? 4 
# 
_cell.entry_id           1K8P 
_cell.length_a           56.607 
_cell.length_b           56.607 
_cell.length_c           40.546 
_cell.angle_alpha        90.00 
_cell.angle_beta         90.00 
_cell.angle_gamma        120.00 
_cell.Z_PDB              12 
_cell.pdbx_unique_axis   ? 
# 
_symmetry.entry_id                         1K8P 
_symmetry.space_group_name_H-M             'P 31 2 1' 
_symmetry.pdbx_full_space_group_name_H-M   ? 
_symmetry.cell_setting                     ? 
_symmetry.Int_Tables_number                152 
# 
_exptl.entry_id          1K8P 
_exptl.method            'X-RAY DIFFRACTION' 
_exptl.crystals_number   1 
# 
_exptl_crystal.id                    1 
_exptl_crystal.density_meas          ? 
_exptl_crystal.density_Matthews      2.40 
_exptl_crystal.density_percent_sol   48.77 
_exptl_crystal.description           ? 
# 
_exptl_crystal_grow.crystal_id      1 
_exptl_crystal_grow.method          'VAPOR DIFFUSION, HANGING DROP' 
_exptl_crystal_grow.temp            286 
_exptl_crystal_grow.temp_details    ? 
_exptl_crystal_grow.pH              7.0 
_exptl_crystal_grow.pdbx_details    'MPD, KCl, LiCl, MgCl2, pH 7.0, VAPOR DIFFUSION, HANGING DROP, temperature 286K' 
_exptl_crystal_grow.pdbx_pH_range   . 
# 
loop_
_exptl_crystal_grow_comp.crystal_id 
_exptl_crystal_grow_comp.id 
_exptl_crystal_grow_comp.sol_id 
_exptl_crystal_grow_comp.name 
_exptl_crystal_grow_comp.volume 
_exptl_crystal_grow_comp.conc 
_exptl_crystal_grow_comp.details 
1 1 1 MPD   ? ? ? 
1 2 1 KCl   ? ? ? 
1 3 1 LiCl  ? ? ? 
1 4 1 MgCl2 ? ? ? 
1 5 2 MPD   ? ? ? 
# 
_diffrn.id                     1 
_diffrn.ambient_temp           103 
_diffrn.ambient_temp_details   ? 
_diffrn.crystal_id             1 
# 
_diffrn_detector.diffrn_id              1 
_diffrn_detector.detector               'IMAGE PLATE' 
_diffrn_detector.type                   'RIGAKU RAXIS IV' 
_diffrn_detector.pdbx_collection_date   2001-05-01 
_diffrn_detector.details                'Osmic mirror' 
# 
_diffrn_radiation.diffrn_id                        1 
_diffrn_radiation.wavelength_id                    1 
_diffrn_radiation.pdbx_monochromatic_or_laue_m_l   M 
_diffrn_radiation.monochromator                    ? 
_diffrn_radiation.pdbx_diffrn_protocol             'SINGLE WAVELENGTH' 
_diffrn_radiation.pdbx_scattering_type             x-ray 
# 
_diffrn_radiation_wavelength.id           1 
_diffrn_radiation_wavelength.wavelength   1.5418 
_diffrn_radiation_wavelength.wt           1.0 
# 
_diffrn_source.diffrn_id                   1 
_diffrn_source.source                      'ROTATING ANODE' 
_diffrn_source.type                        'RIGAKU RU200' 
_diffrn_source.pdbx_synchrotron_site       ? 
_diffrn_source.pdbx_synchrotron_beamline   ? 
_diffrn_source.pdbx_wavelength             ? 
_diffrn_source.pdbx_wavelength_list        1.5418 
# 
_reflns.entry_id                     1K8P 
_reflns.observed_criterion_sigma_I   2.0 
_reflns.observed_criterion_sigma_F   ? 
_reflns.d_resolution_low             26.0 
_reflns.d_resolution_high            2.4 
_reflns.number_obs                   2870 
_reflns.number_all                   3130 
_reflns.percent_possible_obs         90.9 
_reflns.pdbx_Rmerge_I_obs            0.068 
_reflns.pdbx_Rsym_value              ? 
_reflns.pdbx_netI_over_sigmaI        15 
_reflns.B_iso_Wilson_estimate        ? 
_reflns.pdbx_redundancy              10 
_reflns.R_free_details               ? 
_reflns.pdbx_diffrn_id               1 
_reflns.pdbx_ordinal                 1 
# 
_reflns_shell.d_res_high             2.40 
_reflns_shell.d_res_low              2.49 
_reflns_shell.percent_possible_all   99.7 
_reflns_shell.Rmerge_I_obs           0.28 
_reflns_shell.pdbx_Rsym_value        ? 
_reflns_shell.meanI_over_sigI_obs    9.6 
_reflns_shell.pdbx_redundancy        10 
_reflns_shell.percent_possible_obs   ? 
_reflns_shell.number_unique_all      294 
_reflns_shell.pdbx_diffrn_id         ? 
_reflns_shell.pdbx_ordinal           1 
# 
_refine.entry_id                                 1K8P 
_refine.ls_number_reflns_obs                     2572 
_refine.ls_number_reflns_all                     3029 
_refine.pdbx_ls_sigma_I                          ? 
_refine.pdbx_ls_sigma_F                          0 
_refine.pdbx_data_cutoff_high_absF               ? 
_refine.pdbx_data_cutoff_low_absF                ? 
_refine.ls_d_res_low                             10 
_refine.ls_d_res_high                            2.4 
_refine.ls_percent_reflns_obs                    ? 
_refine.ls_R_factor_obs                          0.193 
_refine.ls_R_factor_all                          0.197 
_refine.ls_R_factor_R_work                       0.189 
_refine.ls_R_factor_R_free                       0.28 
_refine.ls_R_factor_R_free_error                 ? 
_refine.ls_R_factor_R_free_error_details         ? 
_refine.ls_percent_reflns_R_free                 ? 
_refine.ls_number_reflns_R_free                  286 
_refine.ls_number_parameters                     ? 
_refine.ls_number_restraints                     ? 
_refine.occupancy_min                            ? 
_refine.occupancy_max                            ? 
_refine.B_iso_mean                               ? 
_refine.aniso_B[1][1]                            ? 
_refine.aniso_B[2][2]                            ? 
_refine.aniso_B[3][3]                            ? 
_refine.aniso_B[1][2]                            ? 
_refine.aniso_B[1][3]                            ? 
_refine.aniso_B[2][3]                            ? 
_refine.solvent_model_details                    ? 
_refine.solvent_model_param_ksol                 ? 
_refine.solvent_model_param_bsol                 ? 
_refine.pdbx_ls_cross_valid_method               ? 
_refine.details                                  ? 
_refine.pdbx_starting_model                      ? 
_refine.pdbx_method_to_determine_struct          MAD 
_refine.pdbx_isotropic_thermal_model             ? 
_refine.pdbx_stereochemistry_target_values       'Parkinson et al.' 
_refine.pdbx_stereochem_target_val_spec_case     ? 
_refine.pdbx_R_Free_selection_details            Random 
_refine.pdbx_overall_ESU_R_Free                  ? 
_refine.overall_SU_B                             ? 
_refine.ls_redundancy_reflns_obs                 ? 
_refine.correlation_coeff_Fo_to_Fc               ? 
_refine.overall_SU_R_Cruickshank_DPI             ? 
_refine.overall_SU_R_free                        ? 
_refine.overall_SU_ML                            ? 
_refine.pdbx_overall_ESU_R                       ? 
_refine.pdbx_data_cutoff_high_rms_absF           ? 
_refine.correlation_coeff_Fo_to_Fc_free          ? 
_refine.pdbx_solvent_vdw_probe_radii             ? 
_refine.pdbx_solvent_ion_probe_radii             ? 
_refine.pdbx_solvent_shrinkage_radii             ? 
_refine.pdbx_refine_id                           'X-RAY DIFFRACTION' 
_refine.pdbx_diffrn_id                           1 
_refine.pdbx_TLS_residual_ADP_flag               ? 
_refine.pdbx_overall_phase_error                 ? 
_refine.pdbx_overall_SU_R_free_Cruickshank_DPI   ? 
_refine.pdbx_overall_SU_R_Blow_DPI               ? 
_refine.pdbx_overall_SU_R_free_Blow_DPI          ? 
# 
_refine_hist.pdbx_refine_id                   'X-RAY DIFFRACTION' 
_refine_hist.cycle_id                         LAST 
_refine_hist.pdbx_number_atoms_protein        0 
_refine_hist.pdbx_number_atoms_nucleic_acid   498 
_refine_hist.pdbx_number_atoms_ligand         7 
_refine_hist.number_atoms_solvent             50 
_refine_hist.number_atoms_total               555 
_refine_hist.d_res_high                       2.4 
_refine_hist.d_res_low                        10 
# 
loop_
_refine_ls_restr.type 
_refine_ls_restr.dev_ideal 
_refine_ls_restr.dev_ideal_target 
_refine_ls_restr.weight 
_refine_ls_restr.number 
_refine_ls_restr.pdbx_refine_id 
_refine_ls_restr.pdbx_restraint_function 
s_angle_d             0.016 ? ? ? 'X-RAY DIFFRACTION' ? 
s_anti_bump_dis_restr 0.004 ? ? ? 'X-RAY DIFFRACTION' ? 
s_bond_d              0.007 ? ? ? 'X-RAY DIFFRACTION' ? 
s_from_restr_planes   0.012 ? ? ? 'X-RAY DIFFRACTION' ? 
# 
_struct.entry_id                  1K8P 
_struct.title                     'Structure of the Human G-quadruplex reveals a novel topology' 
_struct.pdbx_model_details        ? 
_struct.pdbx_CASP_flag            ? 
_struct.pdbx_model_type_details   ? 
# 
_struct_keywords.entry_id        1K8P 
_struct_keywords.pdbx_keywords   DNA 
_struct_keywords.text            
;quadruplex DNA, double chain reversal loop, dimeric quadruplex, Human telomere sequence, G(anti).G(anti).G(anti).G(anti), parallel stranded, DNA
;
# 
loop_
_struct_asym.id 
_struct_asym.pdbx_blank_PDB_chainid_flag 
_struct_asym.pdbx_modified 
_struct_asym.entity_id 
_struct_asym.details 
A N N 1 ? 
B N N 1 ? 
C N N 2 ? 
D N N 2 ? 
E N N 3 ? 
F N N 4 ? 
G N N 4 ? 
# 
_struct_ref.id                         1 
_struct_ref.entity_id                  1 
_struct_ref.db_name                    PDB 
_struct_ref.db_code                    1K8P 
_struct_ref.pdbx_db_accession          1K8P 
_struct_ref.pdbx_db_isoform            ? 
_struct_ref.pdbx_seq_one_letter_code   ? 
_struct_ref.pdbx_align_begin           ? 
# 
loop_
_struct_ref_seq.align_id 
_struct_ref_seq.ref_id 
_struct_ref_seq.pdbx_PDB_id_code 
_struct_ref_seq.pdbx_strand_id 
_struct_ref_seq.seq_align_beg 
_struct_ref_seq.pdbx_seq_align_beg_ins_code 
_struct_ref_seq.seq_align_end 
_struct_ref_seq.pdbx_seq_align_end_ins_code 
_struct_ref_seq.pdbx_db_accession 
_struct_ref_seq.db_align_beg 
_struct_ref_seq.pdbx_db_align_beg_ins_code 
_struct_ref_seq.db_align_end 
_struct_ref_seq.pdbx_db_align_end_ins_code 
_struct_ref_seq.pdbx_auth_seq_align_beg 
_struct_ref_seq.pdbx_auth_seq_align_end 
1 1 1K8P A 1 ? 12 ? 1K8P 1  ? 12 ? 1  12 
2 1 1K8P B 1 ? 12 ? 1K8P 13 ? 24 ? 13 24 
# 
_pdbx_struct_assembly.id                   1 
_pdbx_struct_assembly.details              author_defined_assembly 
_pdbx_struct_assembly.method_details       ? 
_pdbx_struct_assembly.oligomeric_details   dimeric 
_pdbx_struct_assembly.oligomeric_count     2 
# 
_pdbx_struct_assembly_gen.assembly_id       1 
_pdbx_struct_assembly_gen.oper_expression   1 
_pdbx_struct_assembly_gen.asym_id_list      A,B,C,D,E,F,G 
# 
_pdbx_struct_oper_list.id                   1 
_pdbx_struct_oper_list.type                 'identity operation' 
_pdbx_struct_oper_list.name                 1_555 
_pdbx_struct_oper_list.symmetry_operation   x,y,z 
_pdbx_struct_oper_list.matrix[1][1]         1.0000000000 
_pdbx_struct_oper_list.matrix[1][2]         0.0000000000 
_pdbx_struct_oper_list.matrix[1][3]         0.0000000000 
_pdbx_struct_oper_list.vector[1]            0.0000000000 
_pdbx_struct_oper_list.matrix[2][1]         0.0000000000 
_pdbx_struct_oper_list.matrix[2][2]         1.0000000000 
_pdbx_struct_oper_list.matrix[2][3]         0.0000000000 
_pdbx_struct_oper_list.vector[2]            0.0000000000 
_pdbx_struct_oper_list.matrix[3][1]         0.0000000000 
_pdbx_struct_oper_list.matrix[3][2]         0.0000000000 
_pdbx_struct_oper_list.matrix[3][3]         1.0000000000 
_pdbx_struct_oper_list.vector[3]            0.0000000000 
# 
loop_
_struct_conn.id 
_struct_conn.conn_type_id 
_struct_conn.pdbx_leaving_atom_flag 
_struct_conn.pdbx_PDB_id 
_struct_conn.ptnr1_label_asym_id 
_struct_conn.ptnr1_label_comp_id 
_struct_conn.ptnr1_label_seq_id 
_struct_conn.ptnr1_label_atom_id 
_struct_conn.pdbx_ptnr1_label_alt_id 
_struct_conn.pdbx_ptnr1_PDB_ins_code 
_struct_conn.pdbx_ptnr1_standard_comp_id 
_struct_conn.ptnr1_symmetry 
_struct_conn.ptnr2_label_asym_id 
_struct_conn.ptnr2_label_comp_id 
_struct_conn.ptnr2_label_seq_id 
_struct_conn.ptnr2_label_atom_id 
_struct_conn.pdbx_ptnr2_label_alt_id 
_struct_conn.pdbx_ptnr2_PDB_ins_code 
_struct_conn.ptnr1_auth_asym_id 
_struct_conn.ptnr1_auth_comp_id 
_struct_conn.ptnr1_auth_seq_id 
_struct_conn.ptnr2_auth_asym_id 
_struct_conn.ptnr2_auth_comp_id 
_struct_conn.ptnr2_auth_seq_id 
_struct_conn.ptnr2_symmetry 
_struct_conn.pdbx_ptnr3_label_atom_id 
_struct_conn.pdbx_ptnr3_label_seq_id 
_struct_conn.pdbx_ptnr3_label_comp_id 
_struct_conn.pdbx_ptnr3_label_asym_id 
_struct_conn.pdbx_ptnr3_label_alt_id 
_struct_conn.pdbx_ptnr3_PDB_ins_code 
_struct_conn.details 
_struct_conn.pdbx_dist_value 
_struct_conn.pdbx_value_order 
_struct_conn.pdbx_role 
covale1  covale both ? A BRU 1  "O3'" ? ? ? 1_555 A DA  2  P  ? ? A BRU 1  A DA  2    1_555 ? ? ? ? ? ? ?               1.611 ? ? 
covale2  covale both ? A DG  5  "O3'" ? ? ? 1_555 A BRU 6  P  ? ? A DG  5  A BRU 6    1_555 ? ? ? ? ? ? ?               1.616 ? ? 
covale3  covale both ? A BRU 6  "O3'" ? ? ? 1_555 A DT  7  P  ? ? A BRU 6  A DT  7    1_555 ? ? ? ? ? ? ?               1.612 ? ? 
covale4  covale both ? B BRU 1  "O3'" ? ? ? 1_555 B DA  2  P  ? ? B BRU 13 B DA  14   1_555 ? ? ? ? ? ? ?               1.610 ? ? 
covale5  covale both ? B DG  5  "O3'" ? ? ? 1_555 B BRU 6  P  ? ? B DG  17 B BRU 18   1_555 ? ? ? ? ? ? ?               1.612 ? ? 
covale6  covale both ? B BRU 6  "O3'" ? ? ? 1_555 B DT  7  P  ? ? B BRU 18 B DT  19   1_555 ? ? ? ? ? ? ?               1.634 ? ? 
metalc1  metalc ?    ? A DG  3  O6    ? ? ? 1_555 D K   .  K  ? ? A DG  3  A K   26   1_555 ? ? ? ? ? ? ?               2.813 ? ? 
metalc2  metalc ?    ? A DG  4  O6    ? ? ? 1_555 C K   .  K  ? ? A DG  4  A K   25   1_555 ? ? ? ? ? ? ?               2.606 ? ? 
metalc3  metalc ?    ? A DG  4  O6    ? ? ? 1_555 D K   .  K  ? ? A DG  4  A K   26   1_555 ? ? ? ? ? ? ?               2.847 ? ? 
metalc4  metalc ?    ? A DG  5  O6    ? ? ? 1_555 C K   .  K  ? ? A DG  5  A K   25   1_555 ? ? ? ? ? ? ?               2.439 ? ? 
metalc5  metalc ?    ? A DT  7  O4    ? ? ? 1_555 E NA  .  NA ? ? A DT  7  A NA  27   1_555 ? ? ? ? ? ? ?               2.856 ? ? 
metalc6  metalc ?    ? A DG  9  O6    ? ? ? 1_555 D K   .  K  ? ? A DG  9  A K   26   1_555 ? ? ? ? ? ? ?               2.721 ? ? 
metalc7  metalc ?    ? A DG  10 O6    ? ? ? 1_555 C K   .  K  ? ? A DG  10 A K   25   1_555 ? ? ? ? ? ? ?               2.798 ? ? 
metalc8  metalc ?    ? A DG  10 O6    ? ? ? 1_555 D K   .  K  ? ? A DG  10 A K   26   1_555 ? ? ? ? ? ? ?               2.853 ? ? 
metalc9  metalc ?    ? A DG  11 O6    ? ? ? 1_555 C K   .  K  ? ? A DG  11 A K   25   1_555 ? ? ? ? ? ? ?               2.532 ? ? 
metalc10 metalc ?    ? C K   .  K     ? ? ? 1_555 D K   .  K  ? ? A K   25 A K   26   1_555 ? ? ? ? ? ? ?               3.482 ? ? 
metalc11 metalc ?    ? C K   .  K     ? ? ? 1_555 B DG  4  O6 ? ? A K   25 B DG  16   1_555 ? ? ? ? ? ? ?               2.965 ? ? 
metalc12 metalc ?    ? C K   .  K     ? ? ? 1_555 B DG  5  O6 ? ? A K   25 B DG  17   1_555 ? ? ? ? ? ? ?               2.716 ? ? 
metalc13 metalc ?    ? C K   .  K     ? ? ? 1_555 B DG  10 O6 ? ? A K   25 B DG  22   1_555 ? ? ? ? ? ? ?               2.854 ? ? 
metalc14 metalc ?    ? C K   .  K     ? ? ? 1_555 B DG  11 O6 ? ? A K   25 B DG  23   1_555 ? ? ? ? ? ? ?               2.801 ? ? 
metalc15 metalc ?    ? D K   .  K     ? ? ? 1_555 B DG  3  O6 ? ? A K   26 B DG  15   1_555 ? ? ? ? ? ? ?               2.871 ? ? 
metalc16 metalc ?    ? D K   .  K     ? ? ? 1_555 B DG  4  O6 ? ? A K   26 B DG  16   1_555 ? ? ? ? ? ? ?               2.638 ? ? 
metalc17 metalc ?    ? D K   .  K     ? ? ? 1_555 B DG  9  O6 ? ? A K   26 B DG  21   1_555 ? ? ? ? ? ? ?               2.861 ? ? 
metalc18 metalc ?    ? D K   .  K     ? ? ? 1_555 B DG  10 O6 ? ? A K   26 B DG  22   1_555 ? ? ? ? ? ? ?               2.865 ? ? 
metalc19 metalc ?    ? D K   .  K     ? ? ? 1_555 G HOH .  O  ? ? A K   26 B HOH 2024 4_557 ? ? ? ? ? ? ?               3.137 ? ? 
hydrog1  hydrog ?    ? A DG  3  N1    ? ? ? 1_555 A DG  9  O6 ? ? A DG  3  A DG  9    1_555 ? ? ? ? ? ? TYPE_6_PAIR     ?     ? ? 
hydrog2  hydrog ?    ? A DG  3  N2    ? ? ? 1_555 A DG  9  N7 ? ? A DG  3  A DG  9    1_555 ? ? ? ? ? ? TYPE_6_PAIR     ?     ? ? 
hydrog3  hydrog ?    ? A DG  3  N7    ? ? ? 1_555 B DG  9  N2 ? ? A DG  3  B DG  21   1_555 ? ? ? ? ? ? TYPE_6_PAIR     ?     ? ? 
hydrog4  hydrog ?    ? A DG  3  O6    ? ? ? 1_555 B DG  9  N1 ? ? A DG  3  B DG  21   1_555 ? ? ? ? ? ? TYPE_6_PAIR     ?     ? ? 
hydrog5  hydrog ?    ? A DG  4  N1    ? ? ? 1_555 A DG  10 O6 ? ? A DG  4  A DG  10   1_555 ? ? ? ? ? ? TYPE_6_PAIR     ?     ? ? 
hydrog6  hydrog ?    ? A DG  4  N2    ? ? ? 1_555 A DG  10 N7 ? ? A DG  4  A DG  10   1_555 ? ? ? ? ? ? TYPE_6_PAIR     ?     ? ? 
hydrog7  hydrog ?    ? A DG  4  N7    ? ? ? 1_555 B DG  10 N2 ? ? A DG  4  B DG  22   1_555 ? ? ? ? ? ? TYPE_6_PAIR     ?     ? ? 
hydrog8  hydrog ?    ? A DG  4  O6    ? ? ? 1_555 B DG  10 N1 ? ? A DG  4  B DG  22   1_555 ? ? ? ? ? ? TYPE_6_PAIR     ?     ? ? 
hydrog9  hydrog ?    ? A DG  5  N1    ? ? ? 1_555 A DG  11 O6 ? ? A DG  5  A DG  11   1_555 ? ? ? ? ? ? TYPE_6_PAIR     ?     ? ? 
hydrog10 hydrog ?    ? A DG  5  N2    ? ? ? 1_555 A DG  11 N7 ? ? A DG  5  A DG  11   1_555 ? ? ? ? ? ? TYPE_6_PAIR     ?     ? ? 
hydrog11 hydrog ?    ? A DG  5  N7    ? ? ? 1_555 B DG  11 N2 ? ? A DG  5  B DG  23   1_555 ? ? ? ? ? ? TYPE_6_PAIR     ?     ? ? 
hydrog12 hydrog ?    ? A DG  5  O6    ? ? ? 1_555 B DG  11 N1 ? ? A DG  5  B DG  23   1_555 ? ? ? ? ? ? TYPE_6_PAIR     ?     ? ? 
hydrog13 hydrog ?    ? A DG  9  N1    ? ? ? 1_555 B DG  3  O6 ? ? A DG  9  B DG  15   1_555 ? ? ? ? ? ? TYPE_6_PAIR     ?     ? ? 
hydrog14 hydrog ?    ? A DG  9  N2    ? ? ? 1_555 B DG  3  N7 ? ? A DG  9  B DG  15   1_555 ? ? ? ? ? ? TYPE_6_PAIR     ?     ? ? 
hydrog15 hydrog ?    ? A DG  10 N1    ? ? ? 1_555 B DG  4  O6 ? ? A DG  10 B DG  16   1_555 ? ? ? ? ? ? TYPE_6_PAIR     ?     ? ? 
hydrog16 hydrog ?    ? A DG  10 N2    ? ? ? 1_555 B DG  4  N7 ? ? A DG  10 B DG  16   1_555 ? ? ? ? ? ? TYPE_6_PAIR     ?     ? ? 
hydrog17 hydrog ?    ? A DG  11 N2    ? ? ? 1_555 A DT  12 O4 ? ? A DG  11 A DT  12   1_555 ? ? ? ? ? ? 'DG-DT MISPAIR' ?     ? ? 
hydrog18 hydrog ?    ? A DG  11 N1    ? ? ? 1_555 B DG  5  O6 ? ? A DG  11 B DG  17   1_555 ? ? ? ? ? ? TYPE_6_PAIR     ?     ? ? 
hydrog19 hydrog ?    ? A DG  11 N2    ? ? ? 1_555 B DG  5  N7 ? ? A DG  11 B DG  17   1_555 ? ? ? ? ? ? TYPE_6_PAIR     ?     ? ? 
hydrog20 hydrog ?    ? B DG  3  N1    ? ? ? 1_555 B DG  9  O6 ? ? B DG  15 B DG  21   1_555 ? ? ? ? ? ? TYPE_6_PAIR     ?     ? ? 
hydrog21 hydrog ?    ? B DG  3  N2    ? ? ? 1_555 B DG  9  N7 ? ? B DG  15 B DG  21   1_555 ? ? ? ? ? ? TYPE_6_PAIR     ?     ? ? 
hydrog22 hydrog ?    ? B DG  4  N1    ? ? ? 1_555 B DG  10 O6 ? ? B DG  16 B DG  22   1_555 ? ? ? ? ? ? TYPE_6_PAIR     ?     ? ? 
hydrog23 hydrog ?    ? B DG  4  N2    ? ? ? 1_555 B DG  10 N7 ? ? B DG  16 B DG  22   1_555 ? ? ? ? ? ? TYPE_6_PAIR     ?     ? ? 
hydrog24 hydrog ?    ? B DG  5  N1    ? ? ? 1_555 B DG  11 O6 ? ? B DG  17 B DG  23   1_555 ? ? ? ? ? ? TYPE_6_PAIR     ?     ? ? 
hydrog25 hydrog ?    ? B DG  5  N2    ? ? ? 1_555 B DG  11 N7 ? ? B DG  17 B DG  23   1_555 ? ? ? ? ? ? TYPE_6_PAIR     ?     ? ? 
# 
loop_
_struct_conn_type.id 
_struct_conn_type.criteria 
_struct_conn_type.reference 
covale ? ? 
metalc ? ? 
hydrog ? ? 
# 
loop_
_pdbx_struct_conn_angle.id 
_pdbx_struct_conn_angle.ptnr1_label_atom_id 
_pdbx_struct_conn_angle.ptnr1_label_alt_id 
_pdbx_struct_conn_angle.ptnr1_label_asym_id 
_pdbx_struct_conn_angle.ptnr1_label_comp_id 
_pdbx_struct_conn_angle.ptnr1_label_seq_id 
_pdbx_struct_conn_angle.ptnr1_auth_atom_id 
_pdbx_struct_conn_angle.ptnr1_auth_asym_id 
_pdbx_struct_conn_angle.ptnr1_auth_comp_id 
_pdbx_struct_conn_angle.ptnr1_auth_seq_id 
_pdbx_struct_conn_angle.ptnr1_PDB_ins_code 
_pdbx_struct_conn_angle.ptnr1_symmetry 
_pdbx_struct_conn_angle.ptnr2_label_atom_id 
_pdbx_struct_conn_angle.ptnr2_label_alt_id 
_pdbx_struct_conn_angle.ptnr2_label_asym_id 
_pdbx_struct_conn_angle.ptnr2_label_comp_id 
_pdbx_struct_conn_angle.ptnr2_label_seq_id 
_pdbx_struct_conn_angle.ptnr2_auth_atom_id 
_pdbx_struct_conn_angle.ptnr2_auth_asym_id 
_pdbx_struct_conn_angle.ptnr2_auth_comp_id 
_pdbx_struct_conn_angle.ptnr2_auth_seq_id 
_pdbx_struct_conn_angle.ptnr2_PDB_ins_code 
_pdbx_struct_conn_angle.ptnr2_symmetry 
_pdbx_struct_conn_angle.ptnr3_label_atom_id 
_pdbx_struct_conn_angle.ptnr3_label_alt_id 
_pdbx_struct_conn_angle.ptnr3_label_asym_id 
_pdbx_struct_conn_angle.ptnr3_label_comp_id 
_pdbx_struct_conn_angle.ptnr3_label_seq_id 
_pdbx_struct_conn_angle.ptnr3_auth_atom_id 
_pdbx_struct_conn_angle.ptnr3_auth_asym_id 
_pdbx_struct_conn_angle.ptnr3_auth_comp_id 
_pdbx_struct_conn_angle.ptnr3_auth_seq_id 
_pdbx_struct_conn_angle.ptnr3_PDB_ins_code 
_pdbx_struct_conn_angle.ptnr3_symmetry 
_pdbx_struct_conn_angle.value 
_pdbx_struct_conn_angle.value_esd 
1  O6 ? A DG 3  ? A DG 3  ? 1_555 K ? D K . ? A K 26 ? 1_555 O6 ? A DG  4  ? A DG  4    ? 1_555 84.1  ? 
2  O6 ? A DG 3  ? A DG 3  ? 1_555 K ? D K . ? A K 26 ? 1_555 O6 ? A DG  9  ? A DG  9    ? 1_555 75.8  ? 
3  O6 ? A DG 4  ? A DG 4  ? 1_555 K ? D K . ? A K 26 ? 1_555 O6 ? A DG  9  ? A DG  9    ? 1_555 90.7  ? 
4  O6 ? A DG 3  ? A DG 3  ? 1_555 K ? D K . ? A K 26 ? 1_555 O6 ? A DG  10 ? A DG  10   ? 1_555 138.6 ? 
5  O6 ? A DG 4  ? A DG 4  ? 1_555 K ? D K . ? A K 26 ? 1_555 O6 ? A DG  10 ? A DG  10   ? 1_555 64.7  ? 
6  O6 ? A DG 9  ? A DG 9  ? 1_555 K ? D K . ? A K 26 ? 1_555 O6 ? A DG  10 ? A DG  10   ? 1_555 77.9  ? 
7  O6 ? A DG 3  ? A DG 3  ? 1_555 K ? D K . ? A K 26 ? 1_555 O6 ? B DG  3  ? B DG  15   ? 1_555 108.9 ? 
8  O6 ? A DG 4  ? A DG 4  ? 1_555 K ? D K . ? A K 26 ? 1_555 O6 ? B DG  3  ? B DG  15   ? 1_555 159.0 ? 
9  O6 ? A DG 9  ? A DG 9  ? 1_555 K ? D K . ? A K 26 ? 1_555 O6 ? B DG  3  ? B DG  15   ? 1_555 77.4  ? 
10 O6 ? A DG 10 ? A DG 10 ? 1_555 K ? D K . ? A K 26 ? 1_555 O6 ? B DG  3  ? B DG  15   ? 1_555 95.6  ? 
11 O6 ? A DG 3  ? A DG 3  ? 1_555 K ? D K . ? A K 26 ? 1_555 O6 ? B DG  4  ? B DG  16   ? 1_555 144.9 ? 
12 O6 ? A DG 4  ? A DG 4  ? 1_555 K ? D K . ? A K 26 ? 1_555 O6 ? B DG  4  ? B DG  16   ? 1_555 103.2 ? 
13 O6 ? A DG 9  ? A DG 9  ? 1_555 K ? D K . ? A K 26 ? 1_555 O6 ? B DG  4  ? B DG  16   ? 1_555 137.3 ? 
14 O6 ? A DG 10 ? A DG 10 ? 1_555 K ? D K . ? A K 26 ? 1_555 O6 ? B DG  4  ? B DG  16   ? 1_555 72.3  ? 
15 O6 ? B DG 3  ? B DG 15 ? 1_555 K ? D K . ? A K 26 ? 1_555 O6 ? B DG  4  ? B DG  16   ? 1_555 75.9  ? 
16 O6 ? A DG 3  ? A DG 3  ? 1_555 K ? D K . ? A K 26 ? 1_555 O6 ? B DG  9  ? B DG  21   ? 1_555 73.7  ? 
17 O6 ? A DG 4  ? A DG 4  ? 1_555 K ? D K . ? A K 26 ? 1_555 O6 ? B DG  9  ? B DG  21   ? 1_555 133.2 ? 
18 O6 ? A DG 9  ? A DG 9  ? 1_555 K ? D K . ? A K 26 ? 1_555 O6 ? B DG  9  ? B DG  21   ? 1_555 121.6 ? 
19 O6 ? A DG 10 ? A DG 10 ? 1_555 K ? D K . ? A K 26 ? 1_555 O6 ? B DG  9  ? B DG  21   ? 1_555 147.6 ? 
20 O6 ? B DG 3  ? B DG 15 ? 1_555 K ? D K . ? A K 26 ? 1_555 O6 ? B DG  9  ? B DG  21   ? 1_555 67.5  ? 
21 O6 ? B DG 4  ? B DG 16 ? 1_555 K ? D K . ? A K 26 ? 1_555 O6 ? B DG  9  ? B DG  21   ? 1_555 76.7  ? 
22 O6 ? A DG 3  ? A DG 3  ? 1_555 K ? D K . ? A K 26 ? 1_555 O6 ? B DG  10 ? B DG  22   ? 1_555 88.3  ? 
23 O6 ? A DG 4  ? A DG 4  ? 1_555 K ? D K . ? A K 26 ? 1_555 O6 ? B DG  10 ? B DG  22   ? 1_555 68.6  ? 
24 O6 ? A DG 9  ? A DG 9  ? 1_555 K ? D K . ? A K 26 ? 1_555 O6 ? B DG  10 ? B DG  22   ? 1_555 155.2 ? 
25 O6 ? A DG 10 ? A DG 10 ? 1_555 K ? D K . ? A K 26 ? 1_555 O6 ? B DG  10 ? B DG  22   ? 1_555 103.5 ? 
26 O6 ? B DG 3  ? B DG 15 ? 1_555 K ? D K . ? A K 26 ? 1_555 O6 ? B DG  10 ? B DG  22   ? 1_555 126.5 ? 
27 O6 ? B DG 4  ? B DG 16 ? 1_555 K ? D K . ? A K 26 ? 1_555 O6 ? B DG  10 ? B DG  22   ? 1_555 63.8  ? 
28 O6 ? B DG 9  ? B DG 21 ? 1_555 K ? D K . ? A K 26 ? 1_555 O6 ? B DG  10 ? B DG  22   ? 1_555 70.1  ? 
29 O6 ? A DG 3  ? A DG 3  ? 1_555 K ? D K . ? A K 26 ? 1_555 O  ? G HOH .  ? B HOH 2024 ? 4_557 58.7  ? 
30 O6 ? A DG 4  ? A DG 4  ? 1_555 K ? D K . ? A K 26 ? 1_555 O  ? G HOH .  ? B HOH 2024 ? 4_557 135.6 ? 
31 O6 ? A DG 9  ? A DG 9  ? 1_555 K ? D K . ? A K 26 ? 1_555 O  ? G HOH .  ? B HOH 2024 ? 4_557 59.1  ? 
32 O6 ? A DG 10 ? A DG 10 ? 1_555 K ? D K . ? A K 26 ? 1_555 O  ? G HOH .  ? B HOH 2024 ? 4_557 128.5 ? 
33 O6 ? B DG 3  ? B DG 15 ? 1_555 K ? D K . ? A K 26 ? 1_555 O  ? G HOH .  ? B HOH 2024 ? 4_557 50.9  ? 
34 O6 ? B DG 4  ? B DG 16 ? 1_555 K ? D K . ? A K 26 ? 1_555 O  ? G HOH .  ? B HOH 2024 ? 4_557 121.2 ? 
35 O6 ? B DG 9  ? B DG 21 ? 1_555 K ? D K . ? A K 26 ? 1_555 O  ? G HOH .  ? B HOH 2024 ? 4_557 62.4  ? 
36 O6 ? B DG 10 ? B DG 22 ? 1_555 K ? D K . ? A K 26 ? 1_555 O  ? G HOH .  ? B HOH 2024 ? 4_557 127.5 ? 
37 O6 ? A DG 4  ? A DG 4  ? 1_555 K ? C K . ? A K 25 ? 1_555 O6 ? A DG  5  ? A DG  5    ? 1_555 69.5  ? 
38 O6 ? A DG 4  ? A DG 4  ? 1_555 K ? C K . ? A K 25 ? 1_555 O6 ? A DG  10 ? A DG  10   ? 1_555 68.7  ? 
39 O6 ? A DG 5  ? A DG 5  ? 1_555 K ? C K . ? A K 25 ? 1_555 O6 ? A DG  10 ? A DG  10   ? 1_555 86.7  ? 
40 O6 ? A DG 4  ? A DG 4  ? 1_555 K ? C K . ? A K 25 ? 1_555 O6 ? A DG  11 ? A DG  11   ? 1_555 127.9 ? 
41 O6 ? A DG 5  ? A DG 5  ? 1_555 K ? C K . ? A K 25 ? 1_555 O6 ? A DG  11 ? A DG  11   ? 1_555 77.0  ? 
42 O6 ? A DG 10 ? A DG 10 ? 1_555 K ? C K . ? A K 25 ? 1_555 O6 ? A DG  11 ? A DG  11   ? 1_555 70.6  ? 
43 O6 ? A DG 4  ? A DG 4  ? 1_555 K ? C K . ? A K 25 ? 1_555 K  ? D K   .  ? A K   26   ? 1_555 53.4  ? 
44 O6 ? A DG 5  ? A DG 5  ? 1_555 K ? C K . ? A K 25 ? 1_555 K  ? D K   .  ? A K   26   ? 1_555 117.6 ? 
45 O6 ? A DG 10 ? A DG 10 ? 1_555 K ? C K . ? A K 25 ? 1_555 K  ? D K   .  ? A K   26   ? 1_555 52.7  ? 
46 O6 ? A DG 11 ? A DG 11 ? 1_555 K ? C K . ? A K 25 ? 1_555 K  ? D K   .  ? A K   26   ? 1_555 118.1 ? 
47 O6 ? A DG 4  ? A DG 4  ? 1_555 K ? C K . ? A K 25 ? 1_555 O6 ? B DG  4  ? B DG  16   ? 1_555 100.8 ? 
48 O6 ? A DG 5  ? A DG 5  ? 1_555 K ? C K . ? A K 25 ? 1_555 O6 ? B DG  4  ? B DG  16   ? 1_555 155.1 ? 
49 O6 ? A DG 10 ? A DG 10 ? 1_555 K ? C K . ? A K 25 ? 1_555 O6 ? B DG  4  ? B DG  16   ? 1_555 68.4  ? 
50 O6 ? A DG 11 ? A DG 11 ? 1_555 K ? C K . ? A K 25 ? 1_555 O6 ? B DG  4  ? B DG  16   ? 1_555 93.0  ? 
51 K  ? D K  .  ? A K  26 ? 1_555 K ? C K . ? A K 25 ? 1_555 O6 ? B DG  4  ? B DG  16   ? 1_555 47.5  ? 
52 O6 ? A DG 4  ? A DG 4  ? 1_555 K ? C K . ? A K 25 ? 1_555 O6 ? B DG  5  ? B DG  17   ? 1_555 154.8 ? 
53 O6 ? A DG 5  ? A DG 5  ? 1_555 K ? C K . ? A K 25 ? 1_555 O6 ? B DG  5  ? B DG  17   ? 1_555 128.7 ? 
54 O6 ? A DG 10 ? A DG 10 ? 1_555 K ? C K . ? A K 25 ? 1_555 O6 ? B DG  5  ? B DG  17   ? 1_555 123.7 ? 
55 O6 ? A DG 11 ? A DG 11 ? 1_555 K ? C K . ? A K 25 ? 1_555 O6 ? B DG  5  ? B DG  17   ? 1_555 76.7  ? 
56 K  ? D K  .  ? A K  26 ? 1_555 K ? C K . ? A K 25 ? 1_555 O6 ? B DG  5  ? B DG  17   ? 1_555 113.6 ? 
57 O6 ? B DG 4  ? B DG 16 ? 1_555 K ? C K . ? A K 25 ? 1_555 O6 ? B DG  5  ? B DG  17   ? 1_555 69.0  ? 
58 O6 ? A DG 4  ? A DG 4  ? 1_555 K ? C K . ? A K 25 ? 1_555 O6 ? B DG  10 ? B DG  22   ? 1_555 72.1  ? 
59 O6 ? A DG 5  ? A DG 5  ? 1_555 K ? C K . ? A K 25 ? 1_555 O6 ? B DG  10 ? B DG  22   ? 1_555 131.9 ? 
60 O6 ? A DG 10 ? A DG 10 ? 1_555 K ? C K . ? A K 25 ? 1_555 O6 ? B DG  10 ? B DG  22   ? 1_555 105.2 ? 
61 O6 ? A DG 11 ? A DG 11 ? 1_555 K ? C K . ? A K 25 ? 1_555 O6 ? B DG  10 ? B DG  22   ? 1_555 151.0 ? 
62 K  ? D K  .  ? A K  26 ? 1_555 K ? C K . ? A K 25 ? 1_555 O6 ? B DG  10 ? B DG  22   ? 1_555 52.6  ? 
63 O6 ? B DG 4  ? B DG 16 ? 1_555 K ? C K . ? A K 25 ? 1_555 O6 ? B DG  10 ? B DG  22   ? 1_555 60.1  ? 
64 O6 ? B DG 5  ? B DG 17 ? 1_555 K ? C K . ? A K 25 ? 1_555 O6 ? B DG  10 ? B DG  22   ? 1_555 83.1  ? 
65 O6 ? A DG 4  ? A DG 4  ? 1_555 K ? C K . ? A K 25 ? 1_555 O6 ? B DG  11 ? B DG  23   ? 1_555 94.3  ? 
66 O6 ? A DG 5  ? A DG 5  ? 1_555 K ? C K . ? A K 25 ? 1_555 O6 ? B DG  11 ? B DG  23   ? 1_555 84.0  ? 
67 O6 ? A DG 10 ? A DG 10 ? 1_555 K ? C K . ? A K 25 ? 1_555 O6 ? B DG  11 ? B DG  23   ? 1_555 162.6 ? 
68 O6 ? A DG 11 ? A DG 11 ? 1_555 K ? C K . ? A K 25 ? 1_555 O6 ? B DG  11 ? B DG  23   ? 1_555 121.0 ? 
69 K  ? D K  .  ? A K  26 ? 1_555 K ? C K . ? A K 25 ? 1_555 O6 ? B DG  11 ? B DG  23   ? 1_555 120.2 ? 
70 O6 ? B DG 4  ? B DG 16 ? 1_555 K ? C K . ? A K 25 ? 1_555 O6 ? B DG  11 ? B DG  23   ? 1_555 120.3 ? 
71 O6 ? B DG 5  ? B DG 17 ? 1_555 K ? C K . ? A K 25 ? 1_555 O6 ? B DG  11 ? B DG  23   ? 1_555 73.4  ? 
72 O6 ? B DG 10 ? B DG 22 ? 1_555 K ? C K . ? A K 25 ? 1_555 O6 ? B DG  11 ? B DG  23   ? 1_555 71.1  ? 
# 
loop_
_struct_site.id 
_struct_site.pdbx_evidence_code 
_struct_site.pdbx_auth_asym_id 
_struct_site.pdbx_auth_comp_id 
_struct_site.pdbx_auth_seq_id 
_struct_site.pdbx_auth_ins_code 
_struct_site.pdbx_num_residues 
_struct_site.details 
AC1 Software A K  25 ? 9 'BINDING SITE FOR RESIDUE K A 25'  
AC2 Software A K  26 ? 9 'BINDING SITE FOR RESIDUE K A 26'  
AC3 Software A NA 27 ? 2 'BINDING SITE FOR RESIDUE NA A 27' 
# 
loop_
_struct_site_gen.id 
_struct_site_gen.site_id 
_struct_site_gen.pdbx_num_res 
_struct_site_gen.label_comp_id 
_struct_site_gen.label_asym_id 
_struct_site_gen.label_seq_id 
_struct_site_gen.pdbx_auth_ins_code 
_struct_site_gen.auth_comp_id 
_struct_site_gen.auth_asym_id 
_struct_site_gen.auth_seq_id 
_struct_site_gen.label_atom_id 
_struct_site_gen.label_alt_id 
_struct_site_gen.symmetry 
_struct_site_gen.details 
1  AC1 9 DG A 4  ? DG A 4  . ? 1_555 ? 
2  AC1 9 DG A 5  ? DG A 5  . ? 1_555 ? 
3  AC1 9 DG A 10 ? DG A 10 . ? 1_555 ? 
4  AC1 9 DG A 11 ? DG A 11 . ? 1_555 ? 
5  AC1 9 K  D .  ? K  A 26 . ? 1_555 ? 
6  AC1 9 DG B 4  ? DG B 16 . ? 1_555 ? 
7  AC1 9 DG B 5  ? DG B 17 . ? 1_555 ? 
8  AC1 9 DG B 10 ? DG B 22 . ? 1_555 ? 
9  AC1 9 DG B 11 ? DG B 23 . ? 1_555 ? 
10 AC2 9 DG A 3  ? DG A 3  . ? 1_555 ? 
11 AC2 9 DG A 4  ? DG A 4  . ? 1_555 ? 
12 AC2 9 DG A 9  ? DG A 9  . ? 1_555 ? 
13 AC2 9 DG A 10 ? DG A 10 . ? 1_555 ? 
14 AC2 9 K  C .  ? K  A 25 . ? 1_555 ? 
15 AC2 9 DG B 3  ? DG B 15 . ? 1_555 ? 
16 AC2 9 DG B 4  ? DG B 16 . ? 1_555 ? 
17 AC2 9 DG B 9  ? DG B 21 . ? 1_555 ? 
18 AC2 9 DG B 10 ? DG B 22 . ? 1_555 ? 
19 AC3 2 DG A 5  ? DG A 5  . ? 2_665 ? 
20 AC3 2 DT A 7  ? DT A 7  . ? 1_555 ? 
# 
_pdbx_validate_rmsd_bond.id                        1 
_pdbx_validate_rmsd_bond.PDB_model_num             1 
_pdbx_validate_rmsd_bond.auth_atom_id_1            C2 
_pdbx_validate_rmsd_bond.auth_asym_id_1            B 
_pdbx_validate_rmsd_bond.auth_comp_id_1            DT 
_pdbx_validate_rmsd_bond.auth_seq_id_1             19 
_pdbx_validate_rmsd_bond.PDB_ins_code_1            ? 
_pdbx_validate_rmsd_bond.label_alt_id_1            ? 
_pdbx_validate_rmsd_bond.auth_atom_id_2            N3 
_pdbx_validate_rmsd_bond.auth_asym_id_2            B 
_pdbx_validate_rmsd_bond.auth_comp_id_2            DT 
_pdbx_validate_rmsd_bond.auth_seq_id_2             19 
_pdbx_validate_rmsd_bond.PDB_ins_code_2            ? 
_pdbx_validate_rmsd_bond.label_alt_id_2            ? 
_pdbx_validate_rmsd_bond.bond_value                1.309 
_pdbx_validate_rmsd_bond.bond_target_value         1.373 
_pdbx_validate_rmsd_bond.bond_deviation            -0.064 
_pdbx_validate_rmsd_bond.bond_standard_deviation   0.008 
_pdbx_validate_rmsd_bond.linker_flag               N 
# 
loop_
_pdbx_validate_rmsd_angle.id 
_pdbx_validate_rmsd_angle.PDB_model_num 
_pdbx_validate_rmsd_angle.auth_atom_id_1 
_pdbx_validate_rmsd_angle.auth_asym_id_1 
_pdbx_validate_rmsd_angle.auth_comp_id_1 
_pdbx_validate_rmsd_angle.auth_seq_id_1 
_pdbx_validate_rmsd_angle.PDB_ins_code_1 
_pdbx_validate_rmsd_angle.label_alt_id_1 
_pdbx_validate_rmsd_angle.auth_atom_id_2 
_pdbx_validate_rmsd_angle.auth_asym_id_2 
_pdbx_validate_rmsd_angle.auth_comp_id_2 
_pdbx_validate_rmsd_angle.auth_seq_id_2 
_pdbx_validate_rmsd_angle.PDB_ins_code_2 
_pdbx_validate_rmsd_angle.label_alt_id_2 
_pdbx_validate_rmsd_angle.auth_atom_id_3 
_pdbx_validate_rmsd_angle.auth_asym_id_3 
_pdbx_validate_rmsd_angle.auth_comp_id_3 
_pdbx_validate_rmsd_angle.auth_seq_id_3 
_pdbx_validate_rmsd_angle.PDB_ins_code_3 
_pdbx_validate_rmsd_angle.label_alt_id_3 
_pdbx_validate_rmsd_angle.angle_value 
_pdbx_validate_rmsd_angle.angle_target_value 
_pdbx_validate_rmsd_angle.angle_deviation 
_pdbx_validate_rmsd_angle.angle_standard_deviation 
_pdbx_validate_rmsd_angle.linker_flag 
1  1 "O4'" A DA 2  ? ? "C1'" A DA 2  ? ? N9 A DA 2  ? ? 111.22 108.30 2.92 0.30 N 
2  1 "O4'" A DG 3  ? ? "C1'" A DG 3  ? ? N9 A DG 3  ? ? 111.14 108.30 2.84 0.30 N 
3  1 "O4'" A DG 4  ? ? "C1'" A DG 4  ? ? N9 A DG 4  ? ? 112.53 108.30 4.23 0.30 N 
4  1 "O4'" A DG 5  ? ? "C1'" A DG 5  ? ? N9 A DG 5  ? ? 110.87 108.30 2.57 0.30 N 
5  1 "O4'" A DT 7  ? ? "C1'" A DT 7  ? ? N1 A DT 7  ? ? 110.78 108.30 2.48 0.30 N 
6  1 "O4'" A DA 8  ? ? "C1'" A DA 8  ? ? N9 A DA 8  ? ? 110.99 108.30 2.69 0.30 N 
7  1 "O4'" A DG 9  ? ? "C1'" A DG 9  ? ? N9 A DG 9  ? ? 111.57 108.30 3.27 0.30 N 
8  1 "O4'" A DG 11 ? ? "C1'" A DG 11 ? ? N9 A DG 11 ? ? 111.95 108.30 3.65 0.30 N 
9  1 "O4'" A DT 12 ? ? "C1'" A DT 12 ? ? N1 A DT 12 ? ? 110.66 108.30 2.36 0.30 N 
10 1 "O4'" B DA 14 ? ? "C1'" B DA 14 ? ? N9 B DA 14 ? ? 111.23 108.30 2.93 0.30 N 
11 1 "O4'" B DG 15 ? ? "C1'" B DG 15 ? ? N9 B DG 15 ? ? 111.94 108.30 3.64 0.30 N 
12 1 "O4'" B DG 16 ? ? "C1'" B DG 16 ? ? N9 B DG 16 ? ? 113.53 108.30 5.23 0.30 N 
13 1 "O4'" B DG 17 ? ? "C1'" B DG 17 ? ? N9 B DG 17 ? ? 111.86 108.30 3.56 0.30 N 
14 1 "O4'" B DT 19 ? ? "C1'" B DT 19 ? ? N1 B DT 19 ? ? 112.82 108.30 4.52 0.30 N 
15 1 N3    B DT 19 ? ? C2    B DT 19 ? ? O2 B DT 19 ? ? 127.01 122.30 4.71 0.60 N 
16 1 "O4'" B DA 20 ? ? "C1'" B DA 20 ? ? N9 B DA 20 ? ? 112.02 108.30 3.72 0.30 N 
17 1 "O4'" B DG 21 ? ? "C1'" B DG 21 ? ? N9 B DG 21 ? ? 113.52 108.30 5.22 0.30 N 
18 1 "O4'" B DG 22 ? ? "C1'" B DG 22 ? ? N9 B DG 22 ? ? 111.45 108.30 3.15 0.30 N 
19 1 "O4'" B DG 23 ? ? "C1'" B DG 23 ? ? N9 B DG 23 ? ? 111.24 108.30 2.94 0.30 N 
20 1 "O4'" B DT 24 ? ? "C1'" B DT 24 ? ? N1 B DT 24 ? ? 110.71 108.30 2.41 0.30 N 
# 
loop_
_pdbx_struct_mod_residue.id 
_pdbx_struct_mod_residue.label_asym_id 
_pdbx_struct_mod_residue.label_comp_id 
_pdbx_struct_mod_residue.label_seq_id 
_pdbx_struct_mod_residue.auth_asym_id 
_pdbx_struct_mod_residue.auth_comp_id 
_pdbx_struct_mod_residue.auth_seq_id 
_pdbx_struct_mod_residue.PDB_ins_code 
_pdbx_struct_mod_residue.parent_comp_id 
_pdbx_struct_mod_residue.details 
1 A BRU 1 A BRU 1  ? DU ? 
2 A BRU 6 A BRU 6  ? DU ? 
3 B BRU 1 B BRU 13 ? DU ? 
4 B BRU 6 B BRU 18 ? DU ? 
# 
loop_
_pdbx_unobs_or_zero_occ_residues.id 
_pdbx_unobs_or_zero_occ_residues.PDB_model_num 
_pdbx_unobs_or_zero_occ_residues.polymer_flag 
_pdbx_unobs_or_zero_occ_residues.occupancy_flag 
_pdbx_unobs_or_zero_occ_residues.auth_asym_id 
_pdbx_unobs_or_zero_occ_residues.auth_comp_id 
_pdbx_unobs_or_zero_occ_residues.auth_seq_id 
_pdbx_unobs_or_zero_occ_residues.PDB_ins_code 
_pdbx_unobs_or_zero_occ_residues.label_asym_id 
_pdbx_unobs_or_zero_occ_residues.label_comp_id 
_pdbx_unobs_or_zero_occ_residues.label_seq_id 
1 1 Y 0 B DT 19 ? B DT 7 
2 1 Y 0 B DA 20 ? B DA 8 
# 
loop_
_chem_comp_atom.comp_id 
_chem_comp_atom.atom_id 
_chem_comp_atom.type_symbol 
_chem_comp_atom.pdbx_aromatic_flag 
_chem_comp_atom.pdbx_stereo_config 
_chem_comp_atom.pdbx_ordinal 
BRU N1     N  N N 1   
BRU C2     C  N N 2   
BRU N3     N  N N 3   
BRU C4     C  N N 4   
BRU C5     C  N N 5   
BRU C6     C  N N 6   
BRU O2     O  N N 7   
BRU O4     O  N N 8   
BRU BR     BR N N 9   
BRU "C1'"  C  N R 10  
BRU "C2'"  C  N N 11  
BRU "C3'"  C  N S 12  
BRU "C4'"  C  N R 13  
BRU "O3'"  O  N N 14  
BRU "O4'"  O  N N 15  
BRU "C5'"  C  N N 16  
BRU "O5'"  O  N N 17  
BRU P      P  N N 18  
BRU OP1    O  N N 19  
BRU OP2    O  N N 20  
BRU OP3    O  N N 21  
BRU HN3    H  N N 22  
BRU H6     H  N N 23  
BRU "H1'"  H  N N 24  
BRU "H2'"  H  N N 25  
BRU "H2''" H  N N 26  
BRU "H3'"  H  N N 27  
BRU "H4'"  H  N N 28  
BRU "HO3'" H  N N 29  
BRU "H5'"  H  N N 30  
BRU "H5''" H  N N 31  
BRU HOP2   H  N N 32  
BRU HOP3   H  N N 33  
DA  OP3    O  N N 34  
DA  P      P  N N 35  
DA  OP1    O  N N 36  
DA  OP2    O  N N 37  
DA  "O5'"  O  N N 38  
DA  "C5'"  C  N N 39  
DA  "C4'"  C  N R 40  
DA  "O4'"  O  N N 41  
DA  "C3'"  C  N S 42  
DA  "O3'"  O  N N 43  
DA  "C2'"  C  N N 44  
DA  "C1'"  C  N R 45  
DA  N9     N  Y N 46  
DA  C8     C  Y N 47  
DA  N7     N  Y N 48  
DA  C5     C  Y N 49  
DA  C6     C  Y N 50  
DA  N6     N  N N 51  
DA  N1     N  Y N 52  
DA  C2     C  Y N 53  
DA  N3     N  Y N 54  
DA  C4     C  Y N 55  
DA  HOP3   H  N N 56  
DA  HOP2   H  N N 57  
DA  "H5'"  H  N N 58  
DA  "H5''" H  N N 59  
DA  "H4'"  H  N N 60  
DA  "H3'"  H  N N 61  
DA  "HO3'" H  N N 62  
DA  "H2'"  H  N N 63  
DA  "H2''" H  N N 64  
DA  "H1'"  H  N N 65  
DA  H8     H  N N 66  
DA  H61    H  N N 67  
DA  H62    H  N N 68  
DA  H2     H  N N 69  
DG  OP3    O  N N 70  
DG  P      P  N N 71  
DG  OP1    O  N N 72  
DG  OP2    O  N N 73  
DG  "O5'"  O  N N 74  
DG  "C5'"  C  N N 75  
DG  "C4'"  C  N R 76  
DG  "O4'"  O  N N 77  
DG  "C3'"  C  N S 78  
DG  "O3'"  O  N N 79  
DG  "C2'"  C  N N 80  
DG  "C1'"  C  N R 81  
DG  N9     N  Y N 82  
DG  C8     C  Y N 83  
DG  N7     N  Y N 84  
DG  C5     C  Y N 85  
DG  C6     C  N N 86  
DG  O6     O  N N 87  
DG  N1     N  N N 88  
DG  C2     C  N N 89  
DG  N2     N  N N 90  
DG  N3     N  N N 91  
DG  C4     C  Y N 92  
DG  HOP3   H  N N 93  
DG  HOP2   H  N N 94  
DG  "H5'"  H  N N 95  
DG  "H5''" H  N N 96  
DG  "H4'"  H  N N 97  
DG  "H3'"  H  N N 98  
DG  "HO3'" H  N N 99  
DG  "H2'"  H  N N 100 
DG  "H2''" H  N N 101 
DG  "H1'"  H  N N 102 
DG  H8     H  N N 103 
DG  H1     H  N N 104 
DG  H21    H  N N 105 
DG  H22    H  N N 106 
DT  OP3    O  N N 107 
DT  P      P  N N 108 
DT  OP1    O  N N 109 
DT  OP2    O  N N 110 
DT  "O5'"  O  N N 111 
DT  "C5'"  C  N N 112 
DT  "C4'"  C  N R 113 
DT  "O4'"  O  N N 114 
DT  "C3'"  C  N S 115 
DT  "O3'"  O  N N 116 
DT  "C2'"  C  N N 117 
DT  "C1'"  C  N R 118 
DT  N1     N  N N 119 
DT  C2     C  N N 120 
DT  O2     O  N N 121 
DT  N3     N  N N 122 
DT  C4     C  N N 123 
DT  O4     O  N N 124 
DT  C5     C  N N 125 
DT  C7     C  N N 126 
DT  C6     C  N N 127 
DT  HOP3   H  N N 128 
DT  HOP2   H  N N 129 
DT  "H5'"  H  N N 130 
DT  "H5''" H  N N 131 
DT  "H4'"  H  N N 132 
DT  "H3'"  H  N N 133 
DT  "HO3'" H  N N 134 
DT  "H2'"  H  N N 135 
DT  "H2''" H  N N 136 
DT  "H1'"  H  N N 137 
DT  H3     H  N N 138 
DT  H71    H  N N 139 
DT  H72    H  N N 140 
DT  H73    H  N N 141 
DT  H6     H  N N 142 
HOH O      O  N N 143 
HOH H1     H  N N 144 
HOH H2     H  N N 145 
K   K      K  N N 146 
NA  NA     NA N N 147 
# 
loop_
_chem_comp_bond.comp_id 
_chem_comp_bond.atom_id_1 
_chem_comp_bond.atom_id_2 
_chem_comp_bond.value_order 
_chem_comp_bond.pdbx_aromatic_flag 
_chem_comp_bond.pdbx_stereo_config 
_chem_comp_bond.pdbx_ordinal 
BRU N1    C2     sing N N 1   
BRU N1    C6     sing N N 2   
BRU N1    "C1'"  sing N N 3   
BRU C2    N3     sing N N 4   
BRU C2    O2     doub N N 5   
BRU N3    C4     sing N N 6   
BRU N3    HN3    sing N N 7   
BRU C4    C5     sing N N 8   
BRU C4    O4     doub N N 9   
BRU C5    C6     doub N N 10  
BRU C5    BR     sing N N 11  
BRU C6    H6     sing N N 12  
BRU "C1'" "C2'"  sing N N 13  
BRU "C1'" "O4'"  sing N N 14  
BRU "C1'" "H1'"  sing N N 15  
BRU "C2'" "C3'"  sing N N 16  
BRU "C2'" "H2'"  sing N N 17  
BRU "C2'" "H2''" sing N N 18  
BRU "C3'" "C4'"  sing N N 19  
BRU "C3'" "O3'"  sing N N 20  
BRU "C3'" "H3'"  sing N N 21  
BRU "C4'" "O4'"  sing N N 22  
BRU "C4'" "C5'"  sing N N 23  
BRU "C4'" "H4'"  sing N N 24  
BRU "O3'" "HO3'" sing N N 25  
BRU "C5'" "O5'"  sing N N 26  
BRU "C5'" "H5'"  sing N N 27  
BRU "C5'" "H5''" sing N N 28  
BRU "O5'" P      sing N N 29  
BRU P     OP1    doub N N 30  
BRU P     OP2    sing N N 31  
BRU P     OP3    sing N N 32  
BRU OP2   HOP2   sing N N 33  
BRU OP3   HOP3   sing N N 34  
DA  OP3   P      sing N N 35  
DA  OP3   HOP3   sing N N 36  
DA  P     OP1    doub N N 37  
DA  P     OP2    sing N N 38  
DA  P     "O5'"  sing N N 39  
DA  OP2   HOP2   sing N N 40  
DA  "O5'" "C5'"  sing N N 41  
DA  "C5'" "C4'"  sing N N 42  
DA  "C5'" "H5'"  sing N N 43  
DA  "C5'" "H5''" sing N N 44  
DA  "C4'" "O4'"  sing N N 45  
DA  "C4'" "C3'"  sing N N 46  
DA  "C4'" "H4'"  sing N N 47  
DA  "O4'" "C1'"  sing N N 48  
DA  "C3'" "O3'"  sing N N 49  
DA  "C3'" "C2'"  sing N N 50  
DA  "C3'" "H3'"  sing N N 51  
DA  "O3'" "HO3'" sing N N 52  
DA  "C2'" "C1'"  sing N N 53  
DA  "C2'" "H2'"  sing N N 54  
DA  "C2'" "H2''" sing N N 55  
DA  "C1'" N9     sing N N 56  
DA  "C1'" "H1'"  sing N N 57  
DA  N9    C8     sing Y N 58  
DA  N9    C4     sing Y N 59  
DA  C8    N7     doub Y N 60  
DA  C8    H8     sing N N 61  
DA  N7    C5     sing Y N 62  
DA  C5    C6     sing Y N 63  
DA  C5    C4     doub Y N 64  
DA  C6    N6     sing N N 65  
DA  C6    N1     doub Y N 66  
DA  N6    H61    sing N N 67  
DA  N6    H62    sing N N 68  
DA  N1    C2     sing Y N 69  
DA  C2    N3     doub Y N 70  
DA  C2    H2     sing N N 71  
DA  N3    C4     sing Y N 72  
DG  OP3   P      sing N N 73  
DG  OP3   HOP3   sing N N 74  
DG  P     OP1    doub N N 75  
DG  P     OP2    sing N N 76  
DG  P     "O5'"  sing N N 77  
DG  OP2   HOP2   sing N N 78  
DG  "O5'" "C5'"  sing N N 79  
DG  "C5'" "C4'"  sing N N 80  
DG  "C5'" "H5'"  sing N N 81  
DG  "C5'" "H5''" sing N N 82  
DG  "C4'" "O4'"  sing N N 83  
DG  "C4'" "C3'"  sing N N 84  
DG  "C4'" "H4'"  sing N N 85  
DG  "O4'" "C1'"  sing N N 86  
DG  "C3'" "O3'"  sing N N 87  
DG  "C3'" "C2'"  sing N N 88  
DG  "C3'" "H3'"  sing N N 89  
DG  "O3'" "HO3'" sing N N 90  
DG  "C2'" "C1'"  sing N N 91  
DG  "C2'" "H2'"  sing N N 92  
DG  "C2'" "H2''" sing N N 93  
DG  "C1'" N9     sing N N 94  
DG  "C1'" "H1'"  sing N N 95  
DG  N9    C8     sing Y N 96  
DG  N9    C4     sing Y N 97  
DG  C8    N7     doub Y N 98  
DG  C8    H8     sing N N 99  
DG  N7    C5     sing Y N 100 
DG  C5    C6     sing N N 101 
DG  C5    C4     doub Y N 102 
DG  C6    O6     doub N N 103 
DG  C6    N1     sing N N 104 
DG  N1    C2     sing N N 105 
DG  N1    H1     sing N N 106 
DG  C2    N2     sing N N 107 
DG  C2    N3     doub N N 108 
DG  N2    H21    sing N N 109 
DG  N2    H22    sing N N 110 
DG  N3    C4     sing N N 111 
DT  OP3   P      sing N N 112 
DT  OP3   HOP3   sing N N 113 
DT  P     OP1    doub N N 114 
DT  P     OP2    sing N N 115 
DT  P     "O5'"  sing N N 116 
DT  OP2   HOP2   sing N N 117 
DT  "O5'" "C5'"  sing N N 118 
DT  "C5'" "C4'"  sing N N 119 
DT  "C5'" "H5'"  sing N N 120 
DT  "C5'" "H5''" sing N N 121 
DT  "C4'" "O4'"  sing N N 122 
DT  "C4'" "C3'"  sing N N 123 
DT  "C4'" "H4'"  sing N N 124 
DT  "O4'" "C1'"  sing N N 125 
DT  "C3'" "O3'"  sing N N 126 
DT  "C3'" "C2'"  sing N N 127 
DT  "C3'" "H3'"  sing N N 128 
DT  "O3'" "HO3'" sing N N 129 
DT  "C2'" "C1'"  sing N N 130 
DT  "C2'" "H2'"  sing N N 131 
DT  "C2'" "H2''" sing N N 132 
DT  "C1'" N1     sing N N 133 
DT  "C1'" "H1'"  sing N N 134 
DT  N1    C2     sing N N 135 
DT  N1    C6     sing N N 136 
DT  C2    O2     doub N N 137 
DT  C2    N3     sing N N 138 
DT  N3    C4     sing N N 139 
DT  N3    H3     sing N N 140 
DT  C4    O4     doub N N 141 
DT  C4    C5     sing N N 142 
DT  C5    C7     sing N N 143 
DT  C5    C6     doub N N 144 
DT  C7    H71    sing N N 145 
DT  C7    H72    sing N N 146 
DT  C7    H73    sing N N 147 
DT  C6    H6     sing N N 148 
HOH O     H1     sing N N 149 
HOH O     H2     sing N N 150 
# 
_ndb_struct_conf_na.entry_id   1K8P 
_ndb_struct_conf_na.feature    'double helix' 
# 
loop_
_ndb_struct_na_base_pair.model_number 
_ndb_struct_na_base_pair.i_label_asym_id 
_ndb_struct_na_base_pair.i_label_comp_id 
_ndb_struct_na_base_pair.i_label_seq_id 
_ndb_struct_na_base_pair.i_symmetry 
_ndb_struct_na_base_pair.j_label_asym_id 
_ndb_struct_na_base_pair.j_label_comp_id 
_ndb_struct_na_base_pair.j_label_seq_id 
_ndb_struct_na_base_pair.j_symmetry 
_ndb_struct_na_base_pair.shear 
_ndb_struct_na_base_pair.stretch 
_ndb_struct_na_base_pair.stagger 
_ndb_struct_na_base_pair.buckle 
_ndb_struct_na_base_pair.propeller 
_ndb_struct_na_base_pair.opening 
_ndb_struct_na_base_pair.pair_number 
_ndb_struct_na_base_pair.pair_name 
_ndb_struct_na_base_pair.i_auth_asym_id 
_ndb_struct_na_base_pair.i_auth_seq_id 
_ndb_struct_na_base_pair.i_PDB_ins_code 
_ndb_struct_na_base_pair.j_auth_asym_id 
_ndb_struct_na_base_pair.j_auth_seq_id 
_ndb_struct_na_base_pair.j_PDB_ins_code 
_ndb_struct_na_base_pair.hbond_type_28 
_ndb_struct_na_base_pair.hbond_type_12 
1 A DG 9  1_555 B DG 3  1_555 1.834  3.543  0.152  -6.016  -4.020  -87.194 1 A_DG9:DG15_B  A 9  ? B 15 ? 6 ? 
1 A DG 10 1_555 B DG 4  1_555 1.558  3.474  0.217  6.323   -4.217  -87.710 2 A_DG10:DG16_B A 10 ? B 16 ? 6 ? 
1 A DG 11 1_555 B DG 5  1_555 1.799  3.159  -0.078 16.412  -11.922 -89.877 3 A_DG11:DG17_B A 11 ? B 17 ? 6 ? 
1 A DG 5  1_555 B DG 11 1_555 -1.906 -3.448 0.048  -12.417 14.443  87.532  4 A_DG5:DG23_B  A 5  ? B 23 ? 6 ? 
1 A DG 4  1_555 B DG 10 1_555 -1.611 -3.346 0.125  -4.955  -5.738  89.735  5 A_DG4:DG22_B  A 4  ? B 22 ? 6 ? 
1 B DG 9  1_555 A DG 3  1_555 -1.736 3.380  -0.788 11.838  -0.370  92.834  6 B_DG21:DG3_A  B 21 ? A 3  ? 6 ? 
# 
loop_
_ndb_struct_na_base_pair_step.model_number 
_ndb_struct_na_base_pair_step.i_label_asym_id_1 
_ndb_struct_na_base_pair_step.i_label_comp_id_1 
_ndb_struct_na_base_pair_step.i_label_seq_id_1 
_ndb_struct_na_base_pair_step.i_symmetry_1 
_ndb_struct_na_base_pair_step.j_label_asym_id_1 
_ndb_struct_na_base_pair_step.j_label_comp_id_1 
_ndb_struct_na_base_pair_step.j_label_seq_id_1 
_ndb_struct_na_base_pair_step.j_symmetry_1 
_ndb_struct_na_base_pair_step.i_label_asym_id_2 
_ndb_struct_na_base_pair_step.i_label_comp_id_2 
_ndb_struct_na_base_pair_step.i_label_seq_id_2 
_ndb_struct_na_base_pair_step.i_symmetry_2 
_ndb_struct_na_base_pair_step.j_label_asym_id_2 
_ndb_struct_na_base_pair_step.j_label_comp_id_2 
_ndb_struct_na_base_pair_step.j_label_seq_id_2 
_ndb_struct_na_base_pair_step.j_symmetry_2 
_ndb_struct_na_base_pair_step.shift 
_ndb_struct_na_base_pair_step.slide 
_ndb_struct_na_base_pair_step.rise 
_ndb_struct_na_base_pair_step.tilt 
_ndb_struct_na_base_pair_step.roll 
_ndb_struct_na_base_pair_step.twist 
_ndb_struct_na_base_pair_step.x_displacement 
_ndb_struct_na_base_pair_step.y_displacement 
_ndb_struct_na_base_pair_step.helical_rise 
_ndb_struct_na_base_pair_step.inclination 
_ndb_struct_na_base_pair_step.tip 
_ndb_struct_na_base_pair_step.helical_twist 
_ndb_struct_na_base_pair_step.step_number 
_ndb_struct_na_base_pair_step.step_name 
_ndb_struct_na_base_pair_step.i_auth_asym_id_1 
_ndb_struct_na_base_pair_step.i_auth_seq_id_1 
_ndb_struct_na_base_pair_step.i_PDB_ins_code_1 
_ndb_struct_na_base_pair_step.j_auth_asym_id_1 
_ndb_struct_na_base_pair_step.j_auth_seq_id_1 
_ndb_struct_na_base_pair_step.j_PDB_ins_code_1 
_ndb_struct_na_base_pair_step.i_auth_asym_id_2 
_ndb_struct_na_base_pair_step.i_auth_seq_id_2 
_ndb_struct_na_base_pair_step.i_PDB_ins_code_2 
_ndb_struct_na_base_pair_step.j_auth_asym_id_2 
_ndb_struct_na_base_pair_step.j_auth_seq_id_2 
_ndb_struct_na_base_pair_step.j_PDB_ins_code_2 
1 A DG 9  1_555 B DG 3  1_555 A DG 10 1_555 B DG 4  1_555 -0.389 -0.813 3.437  -5.631 2.141  31.912  -1.849 -0.345 3.394  3.851  
10.128 32.461  1 AA_DG9DG10:DG16DG15_BB  A 9  ? B 15 ? A 10 ? B 16 ? 
1 A DG 10 1_555 B DG 4  1_555 A DG 11 1_555 B DG 5  1_555 -0.580 -0.582 3.065  0.886  4.170  28.625  -2.016 1.342  2.933  8.376  
-1.779 28.935  2 AA_DG10DG11:DG17DG16_BB A 10 ? B 16 ? A 11 ? B 17 ? 
1 A DG 11 1_555 B DG 5  1_555 A DG 5  1_555 B DG 11 1_555 -1.672 -3.239 -0.018 -9.443 9.131  179.410 -1.619 0.836  -0.019 4.566  
4.721  179.414 3 AA_DG11DG5:DG23DG17_BB  A 11 ? B 17 ? A 5  ? B 23 ? 
1 A DG 5  1_555 B DG 11 1_555 A DG 4  1_555 B DG 10 1_555 0.454  0.512  -2.911 -1.613 -5.317 -27.811 -2.117 1.252  -2.738 10.925 
-3.314 -28.350 4 AA_DG5DG4:DG22DG23_BB   A 5  ? B 23 ? A 4  ? B 22 ? 
# 
_atom_sites.entry_id                    1K8P 
_atom_sites.fract_transf_matrix[1][1]   0.01680913 
_atom_sites.fract_transf_matrix[1][2]   -0.00987382 
_atom_sites.fract_transf_matrix[1][3]   0.00600567 
_atom_sites.fract_transf_matrix[2][1]   0.01282256 
_atom_sites.fract_transf_matrix[2][2]   -0.00768416 
_atom_sites.fract_transf_matrix[2][3]   -0.01388001 
_atom_sites.fract_transf_matrix[3][1]   0.01253770 
_atom_sites.fract_transf_matrix[3][2]   0.02123768 
_atom_sites.fract_transf_matrix[3][3]   -0.00017496 
_atom_sites.fract_transf_vector[1]      0.305115 
_atom_sites.fract_transf_vector[2]      0.429255 
_atom_sites.fract_transf_vector[3]      0.871319 
# 
loop_
_atom_type.symbol 
BR 
C  
K  
N  
NA 
O  
P  
# 
loop_
_atom_site.group_PDB 
_atom_site.id 
_atom_site.type_symbol 
_atom_site.label_atom_id 
_atom_site.label_alt_id 
_atom_site.label_comp_id 
_atom_site.label_asym_id 
_atom_site.label_entity_id 
_atom_site.label_seq_id 
_atom_site.pdbx_PDB_ins_code 
_atom_site.Cartn_x 
_atom_site.Cartn_y 
_atom_site.Cartn_z 
_atom_site.occupancy 
_atom_site.B_iso_or_equiv 
_atom_site.pdbx_formal_charge 
_atom_site.auth_seq_id 
_atom_site.auth_comp_id 
_atom_site.auth_asym_id 
_atom_site.auth_atom_id 
_atom_site.pdbx_PDB_model_num 
HETATM 1   N  N1    . BRU A 1 1  ? 0.858   9.682   6.167   1.00 64.25  ? 1    BRU A N1    1 
HETATM 2   C  C2    . BRU A 1 1  ? 1.979   9.403   5.422   1.00 53.85  ? 1    BRU A C2    1 
HETATM 3   N  N3    . BRU A 1 1  ? 2.619   8.237   5.763   1.00 51.30  ? 1    BRU A N3    1 
HETATM 4   C  C4    . BRU A 1 1  ? 2.245   7.353   6.755   1.00 48.32  ? 1    BRU A C4    1 
HETATM 5   C  C5    . BRU A 1 1  ? 1.055   7.719   7.493   1.00 46.13  ? 1    BRU A C5    1 
HETATM 6   C  C6    . BRU A 1 1  ? 0.420   8.851   7.173   1.00 59.37  ? 1    BRU A C6    1 
HETATM 7   O  O2    . BRU A 1 1  ? 2.383   10.126  4.528   1.00 61.93  ? 1    BRU A O2    1 
HETATM 8   O  O4    . BRU A 1 1  ? 2.895   6.334   6.973   1.00 50.51  ? 1    BRU A O4    1 
HETATM 9   BR BR    . BRU A 1 1  ? 0.531   6.530   8.843   1.00 31.45  ? 1    BRU A BR    1 
HETATM 10  C  "C1'" . BRU A 1 1  ? 0.136   10.928  5.836   1.00 70.99  ? 1    BRU A "C1'" 1 
HETATM 11  C  "C2'" . BRU A 1 1  ? -0.613  10.940  4.534   1.00 73.19  ? 1    BRU A "C2'" 1 
HETATM 12  C  "C3'" . BRU A 1 1  ? -2.056  11.124  4.918   1.00 72.68  ? 1    BRU A "C3'" 1 
HETATM 13  C  "C4'" . BRU A 1 1  ? -2.061  11.510  6.387   1.00 72.07  ? 1    BRU A "C4'" 1 
HETATM 14  O  "O3'" . BRU A 1 1  ? -2.635  12.164  4.120   1.00 76.46  ? 1    BRU A "O3'" 1 
HETATM 15  O  "O4'" . BRU A 1 1  ? -0.723  11.319  6.880   1.00 71.68  ? 1    BRU A "O4'" 1 
HETATM 16  C  "C5'" . BRU A 1 1  ? -3.028  10.740  7.257   1.00 75.23  ? 1    BRU A "C5'" 1 
HETATM 17  O  "O5'" . BRU A 1 1  ? -2.307  10.195  8.367   1.00 91.93  ? 1    BRU A "O5'" 1 
ATOM   18  P  P     . DA  A 1 2  ? -3.080  11.841  2.605   1.00 77.36  ? 2    DA  A P     1 
ATOM   19  O  OP1   . DA  A 1 2  ? -3.716  13.050  2.012   1.00 90.01  ? 2    DA  A OP1   1 
ATOM   20  O  OP2   . DA  A 1 2  ? -3.830  10.551  2.589   1.00 74.32  ? 2    DA  A OP2   1 
ATOM   21  O  "O5'" . DA  A 1 2  ? -1.698  11.603  1.844   1.00 69.57  ? 2    DA  A "O5'" 1 
ATOM   22  C  "C5'" . DA  A 1 2  ? -0.807  12.684  1.581   1.00 60.26  ? 2    DA  A "C5'" 1 
ATOM   23  C  "C4'" . DA  A 1 2  ? 0.208   12.274  0.543   1.00 61.86  ? 2    DA  A "C4'" 1 
ATOM   24  O  "O4'" . DA  A 1 2  ? 1.136   11.324  1.106   1.00 65.11  ? 2    DA  A "O4'" 1 
ATOM   25  C  "C3'" . DA  A 1 2  ? -0.367  11.604  -0.707  1.00 58.72  ? 2    DA  A "C3'" 1 
ATOM   26  O  "O3'" . DA  A 1 2  ? 0.425   11.996  -1.835  1.00 58.78  ? 2    DA  A "O3'" 1 
ATOM   27  C  "C2'" . DA  A 1 2  ? -0.208  10.126  -0.410  1.00 58.54  ? 2    DA  A "C2'" 1 
ATOM   28  C  "C1'" . DA  A 1 2  ? 1.061   10.079  0.414   1.00 62.34  ? 2    DA  A "C1'" 1 
ATOM   29  N  N9    . DA  A 1 2  ? 1.040   8.942   1.358   1.00 60.64  ? 2    DA  A N9    1 
ATOM   30  C  C8    . DA  A 1 2  ? 0.062   8.541   2.229   1.00 56.66  ? 2    DA  A C8    1 
ATOM   31  N  N7    . DA  A 1 2  ? 0.381   7.477   2.926   1.00 56.50  ? 2    DA  A N7    1 
ATOM   32  C  C5    . DA  A 1 2  ? 1.658   7.161   2.479   1.00 55.73  ? 2    DA  A C5    1 
ATOM   33  C  C6    . DA  A 1 2  ? 2.542   6.128   2.839   1.00 50.84  ? 2    DA  A C6    1 
ATOM   34  N  N6    . DA  A 1 2  ? 2.241   5.205   3.762   1.00 46.84  ? 2    DA  A N6    1 
ATOM   35  N  N1    . DA  A 1 2  ? 3.736   6.086   2.213   1.00 45.50  ? 2    DA  A N1    1 
ATOM   36  C  C2    . DA  A 1 2  ? 4.005   7.019   1.298   1.00 52.99  ? 2    DA  A C2    1 
ATOM   37  N  N3    . DA  A 1 2  ? 3.259   8.038   0.874   1.00 61.07  ? 2    DA  A N3    1 
ATOM   38  C  C4    . DA  A 1 2  ? 2.076   8.057   1.512   1.00 58.44  ? 2    DA  A C4    1 
ATOM   39  P  P     . DG  A 1 3  ? -0.108  11.809  -3.339  1.00 62.88  ? 3    DG  A P     1 
ATOM   40  O  OP1   . DG  A 1 3  ? 0.217   13.002  -4.166  1.00 60.89  ? 3    DG  A OP1   1 
ATOM   41  O  OP2   . DG  A 1 3  ? -1.504  11.283  -3.314  1.00 63.90  ? 3    DG  A OP2   1 
ATOM   42  O  "O5'" . DG  A 1 3  ? 0.806   10.625  -3.905  1.00 59.88  ? 3    DG  A "O5'" 1 
ATOM   43  C  "C5'" . DG  A 1 3  ? 2.227   10.801  -3.937  1.00 54.35  ? 3    DG  A "C5'" 1 
ATOM   44  C  "C4'" . DG  A 1 3  ? 2.863   9.453   -4.191  1.00 51.81  ? 3    DG  A "C4'" 1 
ATOM   45  O  "O4'" . DG  A 1 3  ? 2.828   8.669   -2.977  1.00 49.02  ? 3    DG  A "O4'" 1 
ATOM   46  C  "C3'" . DG  A 1 3  ? 2.146   8.618   -5.256  1.00 52.44  ? 3    DG  A "C3'" 1 
ATOM   47  O  "O3'" . DG  A 1 3  ? 3.058   8.441   -6.340  1.00 57.65  ? 3    DG  A "O3'" 1 
ATOM   48  C  "C2'" . DG  A 1 3  ? 1.806   7.308   -4.591  1.00 50.97  ? 3    DG  A "C2'" 1 
ATOM   49  C  "C1'" . DG  A 1 3  ? 2.628   7.298   -3.321  1.00 52.16  ? 3    DG  A "C1'" 1 
ATOM   50  N  N9    . DG  A 1 3  ? 1.932   6.572   -2.238  1.00 47.12  ? 3    DG  A N9    1 
ATOM   51  C  C8    . DG  A 1 3  ? 0.698   6.814   -1.683  1.00 44.62  ? 3    DG  A C8    1 
ATOM   52  N  N7    . DG  A 1 3  ? 0.403   5.966   -0.739  1.00 46.80  ? 3    DG  A N7    1 
ATOM   53  C  C5    . DG  A 1 3  ? 1.498   5.120   -0.667  1.00 42.66  ? 3    DG  A C5    1 
ATOM   54  C  C6    . DG  A 1 3  ? 1.742   4.005   0.177   1.00 44.99  ? 3    DG  A C6    1 
ATOM   55  O  O6    . DG  A 1 3  ? 0.997   3.545   1.054   1.00 49.39  ? 3    DG  A O6    1 
ATOM   56  N  N1    . DG  A 1 3  ? 2.982   3.422   -0.076  1.00 35.38  ? 3    DG  A N1    1 
ATOM   57  C  C2    . DG  A 1 3  ? 3.868   3.865   -1.027  1.00 41.37  ? 3    DG  A C2    1 
ATOM   58  N  N2    . DG  A 1 3  ? 5.017   3.180   -1.132  1.00 41.49  ? 3    DG  A N2    1 
ATOM   59  N  N3    . DG  A 1 3  ? 3.648   4.903   -1.818  1.00 46.18  ? 3    DG  A N3    1 
ATOM   60  C  C4    . DG  A 1 3  ? 2.454   5.485   -1.591  1.00 40.49  ? 3    DG  A C4    1 
ATOM   61  P  P     . DG  A 1 4  ? 2.841   7.421   -7.548  1.00 58.80  ? 4    DG  A P     1 
ATOM   62  O  OP1   . DG  A 1 4  ? 3.459   8.013   -8.767  1.00 63.98  ? 4    DG  A OP1   1 
ATOM   63  O  OP2   . DG  A 1 4  ? 1.427   6.947   -7.595  1.00 61.28  ? 4    DG  A OP2   1 
ATOM   64  O  "O5'" . DG  A 1 4  ? 3.720   6.159   -7.126  1.00 61.24  ? 4    DG  A "O5'" 1 
ATOM   65  C  "C5'" . DG  A 1 4  ? 5.138   6.133   -7.329  1.00 55.91  ? 4    DG  A "C5'" 1 
ATOM   66  C  "C4'" . DG  A 1 4  ? 5.615   4.725   -7.011  1.00 53.04  ? 4    DG  A "C4'" 1 
ATOM   67  O  "O4'" . DG  A 1 4  ? 5.214   4.436   -5.646  1.00 51.36  ? 4    DG  A "O4'" 1 
ATOM   68  C  "C3'" . DG  A 1 4  ? 4.923   3.650   -7.856  1.00 51.82  ? 4    DG  A "C3'" 1 
ATOM   69  O  "O3'" . DG  A 1 4  ? 5.803   3.259   -8.916  1.00 50.17  ? 4    DG  A "O3'" 1 
ATOM   70  C  "C2'" . DG  A 1 4  ? 4.690   2.501   -6.907  1.00 48.91  ? 4    DG  A "C2'" 1 
ATOM   71  C  "C1'" . DG  A 1 4  ? 4.844   3.074   -5.527  1.00 50.21  ? 4    DG  A "C1'" 1 
ATOM   72  N  N9    . DG  A 1 4  ? 3.631   2.887   -4.707  1.00 48.47  ? 4    DG  A N9    1 
ATOM   73  C  C8    . DG  A 1 4  ? 2.519   3.687   -4.592  1.00 48.31  ? 4    DG  A C8    1 
ATOM   74  N  N7    . DG  A 1 4  ? 1.629   3.208   -3.766  1.00 46.58  ? 4    DG  A N7    1 
ATOM   75  C  C5    . DG  A 1 4  ? 2.188   2.017   -3.306  1.00 47.64  ? 4    DG  A C5    1 
ATOM   76  C  C6    . DG  A 1 4  ? 1.692   1.051   -2.390  1.00 42.93  ? 4    DG  A C6    1 
ATOM   77  O  O6    . DG  A 1 4  ? 0.625   1.038   -1.768  1.00 42.92  ? 4    DG  A O6    1 
ATOM   78  N  N1    . DG  A 1 4  ? 2.572   -0.009  -2.201  1.00 43.29  ? 4    DG  A N1    1 
ATOM   79  C  C2    . DG  A 1 4  ? 3.792   -0.120  -2.830  1.00 43.23  ? 4    DG  A C2    1 
ATOM   80  N  N2    . DG  A 1 4  ? 4.500   -1.216  -2.518  1.00 36.59  ? 4    DG  A N2    1 
ATOM   81  N  N3    . DG  A 1 4  ? 4.264   0.769   -3.685  1.00 37.48  ? 4    DG  A N3    1 
ATOM   82  C  C4    . DG  A 1 4  ? 3.426   1.808   -3.884  1.00 39.12  ? 4    DG  A C4    1 
ATOM   83  P  P     . DG  A 1 5  ? 5.330   2.183   -10.010 1.00 55.07  ? 5    DG  A P     1 
ATOM   84  O  OP1   . DG  A 1 5  ? 6.345   2.150   -11.102 1.00 56.59  ? 5    DG  A OP1   1 
ATOM   85  O  OP2   . DG  A 1 5  ? 3.901   2.404   -10.375 1.00 50.85  ? 5    DG  A OP2   1 
ATOM   86  O  "O5'" . DG  A 1 5  ? 5.406   0.769   -9.260  1.00 50.77  ? 5    DG  A "O5'" 1 
ATOM   87  C  "C5'" . DG  A 1 5  ? 6.664   0.103   -9.150  1.00 48.88  ? 5    DG  A "C5'" 1 
ATOM   88  C  "C4'" . DG  A 1 5  ? 6.480   -1.299  -8.638  1.00 47.92  ? 5    DG  A "C4'" 1 
ATOM   89  O  "O4'" . DG  A 1 5  ? 5.780   -1.279  -7.375  1.00 47.71  ? 5    DG  A "O4'" 1 
ATOM   90  C  "C3'" . DG  A 1 5  ? 5.694   -2.245  -9.546  1.00 47.30  ? 5    DG  A "C3'" 1 
ATOM   91  O  "O3'" . DG  A 1 5  ? 6.321   -3.537  -9.490  1.00 46.12  ? 5    DG  A "O3'" 1 
ATOM   92  C  "C2'" . DG  A 1 5  ? 4.328   -2.314  -8.887  1.00 47.96  ? 5    DG  A "C2'" 1 
ATOM   93  C  "C1'" . DG  A 1 5  ? 4.665   -2.172  -7.412  1.00 45.01  ? 5    DG  A "C1'" 1 
ATOM   94  N  N9    . DG  A 1 5  ? 3.513   -1.607  -6.675  1.00 42.20  ? 5    DG  A N9    1 
ATOM   95  C  C8    . DG  A 1 5  ? 2.858   -0.416  -6.882  1.00 38.19  ? 5    DG  A C8    1 
ATOM   96  N  N7    . DG  A 1 5  ? 1.882   -0.239  -6.040  1.00 45.15  ? 5    DG  A N7    1 
ATOM   97  C  C5    . DG  A 1 5  ? 1.884   -1.365  -5.232  1.00 38.50  ? 5    DG  A C5    1 
ATOM   98  C  C6    . DG  A 1 5  ? 1.036   -1.706  -4.143  1.00 43.96  ? 5    DG  A C6    1 
ATOM   99  O  O6    . DG  A 1 5  ? 0.086   -1.059  -3.667  1.00 30.44  ? 5    DG  A O6    1 
ATOM   100 N  N1    . DG  A 1 5  ? 1.388   -2.944  -3.602  1.00 40.81  ? 5    DG  A N1    1 
ATOM   101 C  C2    . DG  A 1 5  ? 2.420   -3.729  -4.061  1.00 35.86  ? 5    DG  A C2    1 
ATOM   102 N  N2    . DG  A 1 5  ? 2.614   -4.890  -3.418  1.00 27.58  ? 5    DG  A N2    1 
ATOM   103 N  N3    . DG  A 1 5  ? 3.212   -3.414  -5.076  1.00 34.14  ? 5    DG  A N3    1 
ATOM   104 C  C4    . DG  A 1 5  ? 2.896   -2.222  -5.620  1.00 37.82  ? 5    DG  A C4    1 
HETATM 105 N  N1    . BRU A 1 6  ? 9.909   1.469   -10.227 1.00 53.94  ? 6    BRU A N1    1 
HETATM 106 C  C2    . BRU A 1 6  ? 9.641   2.677   -10.814 1.00 56.99  ? 6    BRU A C2    1 
HETATM 107 N  N3    . BRU A 1 6  ? 9.262   3.678   -9.945  1.00 54.96  ? 6    BRU A N3    1 
HETATM 108 C  C4    . BRU A 1 6  ? 9.136   3.557   -8.577  1.00 52.31  ? 6    BRU A C4    1 
HETATM 109 C  C5    . BRU A 1 6  ? 9.437   2.251   -8.047  1.00 46.55  ? 6    BRU A C5    1 
HETATM 110 C  C6    . BRU A 1 6  ? 9.806   1.269   -8.869  1.00 47.43  ? 6    BRU A C6    1 
HETATM 111 O  O2    . BRU A 1 6  ? 9.719   2.900   -12.011 1.00 58.16  ? 6    BRU A O2    1 
HETATM 112 O  O4    . BRU A 1 6  ? 8.794   4.500   -7.873  1.00 55.87  ? 6    BRU A O4    1 
HETATM 113 BR BR    . BRU A 1 6  ? 9.284   2.027   -6.194  1.00 36.46  ? 6    BRU A BR    1 
HETATM 114 C  "C1'" . BRU A 1 6  ? 10.319  0.356   -11.114 1.00 47.46  ? 6    BRU A "C1'" 1 
HETATM 115 C  "C2'" . BRU A 1 6  ? 11.595  -0.360  -10.712 1.00 40.35  ? 6    BRU A "C2'" 1 
HETATM 116 C  "C3'" . BRU A 1 6  ? 11.427  -1.703  -11.395 1.00 41.57  ? 6    BRU A "C3'" 1 
HETATM 117 C  "C4'" . BRU A 1 6  ? 9.929   -1.866  -11.600 1.00 37.66  ? 6    BRU A "C4'" 1 
HETATM 118 O  "O3'" . BRU A 1 6  ? 12.062  -1.625  -12.685 1.00 47.62  ? 6    BRU A "O3'" 1 
HETATM 119 O  "O4'" . BRU A 1 6  ? 9.316   -0.666  -11.085 1.00 44.90  ? 6    BRU A "O4'" 1 
HETATM 120 C  "C5'" . BRU A 1 6  ? 9.274   -3.077  -10.998 1.00 41.00  ? 6    BRU A "C5'" 1 
HETATM 121 O  "O5'" . BRU A 1 6  ? 7.893   -3.051  -11.370 1.00 51.94  ? 6    BRU A "O5'" 1 
HETATM 122 P  P     . BRU A 1 6  ? 6.860   -4.163  -10.879 1.00 50.87  ? 6    BRU A P     1 
HETATM 123 O  OP1   . BRU A 1 6  ? 5.720   -4.157  -11.841 1.00 61.43  ? 6    BRU A OP1   1 
HETATM 124 O  OP2   . BRU A 1 6  ? 7.608   -5.422  -10.646 1.00 44.39  ? 6    BRU A OP2   1 
ATOM   125 P  P     . DT  A 1 7  ? 13.179  -2.743  -13.005 1.00 50.52  ? 7    DT  A P     1 
ATOM   126 O  OP1   . DT  A 1 7  ? 13.499  -2.697  -14.460 1.00 54.30  ? 7    DT  A OP1   1 
ATOM   127 O  OP2   . DT  A 1 7  ? 12.772  -4.025  -12.374 1.00 55.58  ? 7    DT  A OP2   1 
ATOM   128 O  "O5'" . DT  A 1 7  ? 14.441  -2.209  -12.193 1.00 38.59  ? 7    DT  A "O5'" 1 
ATOM   129 C  "C5'" . DT  A 1 7  ? 15.374  -3.143  -11.647 1.00 36.58  ? 7    DT  A "C5'" 1 
ATOM   130 C  "C4'" . DT  A 1 7  ? 16.380  -2.371  -10.822 1.00 43.06  ? 7    DT  A "C4'" 1 
ATOM   131 O  "O4'" . DT  A 1 7  ? 16.825  -1.212  -11.587 1.00 46.29  ? 7    DT  A "O4'" 1 
ATOM   132 C  "C3'" . DT  A 1 7  ? 15.761  -1.725  -9.567  1.00 47.67  ? 7    DT  A "C3'" 1 
ATOM   133 O  "O3'" . DT  A 1 7  ? 15.634  -2.675  -8.517  1.00 56.92  ? 7    DT  A "O3'" 1 
ATOM   134 C  "C2'" . DT  A 1 7  ? 16.830  -0.676  -9.290  1.00 49.69  ? 7    DT  A "C2'" 1 
ATOM   135 C  "C1'" . DT  A 1 7  ? 17.019  -0.111  -10.706 1.00 49.03  ? 7    DT  A "C1'" 1 
ATOM   136 N  N1    . DT  A 1 7  ? 16.075  0.988   -11.022 1.00 36.46  ? 7    DT  A N1    1 
ATOM   137 C  C2    . DT  A 1 7  ? 16.200  2.131   -10.270 1.00 38.26  ? 7    DT  A C2    1 
ATOM   138 O  O2    . DT  A 1 7  ? 17.032  2.265   -9.387  1.00 59.10  ? 7    DT  A O2    1 
ATOM   139 N  N3    . DT  A 1 7  ? 15.309  3.125   -10.589 1.00 42.39  ? 7    DT  A N3    1 
ATOM   140 C  C4    . DT  A 1 7  ? 14.329  3.085   -11.562 1.00 40.21  ? 7    DT  A C4    1 
ATOM   141 O  O4    . DT  A 1 7  ? 13.601  4.057   -11.736 1.00 40.83  ? 7    DT  A O4    1 
ATOM   142 C  C5    . DT  A 1 7  ? 14.260  1.853   -12.307 1.00 35.94  ? 7    DT  A C5    1 
ATOM   143 C  C7    . DT  A 1 7  ? 13.226  1.722   -13.386 1.00 44.83  ? 7    DT  A C7    1 
ATOM   144 C  C6    . DT  A 1 7  ? 15.128  0.875   -12.002 1.00 35.82  ? 7    DT  A C6    1 
ATOM   145 P  P     . DA  A 1 8  ? 14.279  -2.772  -7.644  1.00 48.30  ? 8    DA  A P     1 
ATOM   146 O  OP1   . DA  A 1 8  ? 14.389  -3.924  -6.708  1.00 71.33  ? 8    DA  A OP1   1 
ATOM   147 O  OP2   . DA  A 1 8  ? 13.072  -2.689  -8.504  1.00 51.04  ? 8    DA  A OP2   1 
ATOM   148 O  "O5'" . DA  A 1 8  ? 14.310  -1.422  -6.787  1.00 50.73  ? 8    DA  A "O5'" 1 
ATOM   149 C  "C5'" . DA  A 1 8  ? 15.345  -1.204  -5.827  1.00 41.91  ? 8    DA  A "C5'" 1 
ATOM   150 C  "C4'" . DA  A 1 8  ? 14.883  -0.188  -4.810  1.00 40.92  ? 8    DA  A "C4'" 1 
ATOM   151 O  "O4'" . DA  A 1 8  ? 14.836  1.123   -5.413  1.00 37.75  ? 8    DA  A "O4'" 1 
ATOM   152 C  "C3'" . DA  A 1 8  ? 13.466  -0.438  -4.273  1.00 45.32  ? 8    DA  A "C3'" 1 
ATOM   153 O  "O3'" . DA  A 1 8  ? 13.410  0.089   -2.940  1.00 54.90  ? 8    DA  A "O3'" 1 
ATOM   154 C  "C2'" . DA  A 1 8  ? 12.601  0.406   -5.190  1.00 37.44  ? 8    DA  A "C2'" 1 
ATOM   155 C  "C1'" . DA  A 1 8  ? 13.493  1.603   -5.456  1.00 43.21  ? 8    DA  A "C1'" 1 
ATOM   156 N  N9    . DA  A 1 8  ? 13.182  2.191   -6.779  1.00 54.65  ? 8    DA  A N9    1 
ATOM   157 C  C8    . DA  A 1 8  ? 13.147  1.610   -8.016  1.00 54.04  ? 8    DA  A C8    1 
ATOM   158 N  N7    . DA  A 1 8  ? 12.829  2.451   -8.975  1.00 54.07  ? 8    DA  A N7    1 
ATOM   159 C  C5    . DA  A 1 8  ? 12.646  3.658   -8.317  1.00 47.83  ? 8    DA  A C5    1 
ATOM   160 C  C6    . DA  A 1 8  ? 12.297  4.939   -8.771  1.00 51.00  ? 8    DA  A C6    1 
ATOM   161 N  N6    . DA  A 1 8  ? 12.055  5.254   -10.045 1.00 53.52  ? 8    DA  A N6    1 
ATOM   162 N  N1    . DA  A 1 8  ? 12.203  5.912   -7.841  1.00 60.22  ? 8    DA  A N1    1 
ATOM   163 C  C2    . DA  A 1 8  ? 12.442  5.615   -6.558  1.00 59.21  ? 8    DA  A C2    1 
ATOM   164 N  N3    . DA  A 1 8  ? 12.778  4.452   -6.005  1.00 51.86  ? 8    DA  A N3    1 
ATOM   165 C  C4    . DA  A 1 8  ? 12.861  3.511   -6.961  1.00 49.68  ? 8    DA  A C4    1 
ATOM   166 P  P     . DG  A 1 9  ? 13.714  -0.894  -1.692  1.00 48.96  ? 9    DG  A P     1 
ATOM   167 O  OP1   . DG  A 1 9  ? 13.949  -0.021  -0.512  1.00 36.62  ? 9    DG  A OP1   1 
ATOM   168 O  OP2   . DG  A 1 9  ? 14.757  -1.895  -2.074  1.00 49.58  ? 9    DG  A OP2   1 
ATOM   169 O  "O5'" . DG  A 1 9  ? 12.368  -1.715  -1.556  1.00 39.56  ? 9    DG  A "O5'" 1 
ATOM   170 C  "C5'" . DG  A 1 9  ? 11.125  -1.214  -1.068  1.00 43.67  ? 9    DG  A "C5'" 1 
ATOM   171 C  "C4'" . DG  A 1 9  ? 10.382  -2.332  -0.383  1.00 48.52  ? 9    DG  A "C4'" 1 
ATOM   172 O  "O4'" . DG  A 1 9  ? 9.343   -1.821  0.477   1.00 49.60  ? 9    DG  A "O4'" 1 
ATOM   173 C  "C3'" . DG  A 1 9  ? 9.706   -3.347  -1.308  1.00 46.69  ? 9    DG  A "C3'" 1 
ATOM   174 O  "O3'" . DG  A 1 9  ? 9.773   -4.633  -0.668  1.00 40.33  ? 9    DG  A "O3'" 1 
ATOM   175 C  "C2'" . DG  A 1 9  ? 8.263   -2.868  -1.333  1.00 46.74  ? 9    DG  A "C2'" 1 
ATOM   176 C  "C1'" . DG  A 1 9  ? 8.074   -2.332  0.075   1.00 45.38  ? 9    DG  A "C1'" 1 
ATOM   177 N  N9    . DG  A 1 9  ? 7.034   -1.281  0.095   1.00 41.51  ? 9    DG  A N9    1 
ATOM   178 C  C8    . DG  A 1 9  ? 6.941   -0.114  -0.620  1.00 38.04  ? 9    DG  A C8    1 
ATOM   179 N  N7    . DG  A 1 9  ? 5.864   0.580   -0.336  1.00 32.52  ? 9    DG  A N7    1 
ATOM   180 C  C5    . DG  A 1 9  ? 5.221   -0.183  0.622   1.00 32.46  ? 9    DG  A C5    1 
ATOM   181 C  C6    . DG  A 1 9  ? 4.008   0.039   1.316   1.00 35.71  ? 9    DG  A C6    1 
ATOM   182 O  O6    . DG  A 1 9  ? 3.255   1.005   1.194   1.00 34.32  ? 9    DG  A O6    1 
ATOM   183 N  N1    . DG  A 1 9  ? 3.721   -0.992  2.204   1.00 42.53  ? 9    DG  A N1    1 
ATOM   184 C  C2    . DG  A 1 9  ? 4.498   -2.105  2.408   1.00 45.60  ? 9    DG  A C2    1 
ATOM   185 N  N2    . DG  A 1 9  ? 4.062   -2.998  3.308   1.00 44.53  ? 9    DG  A N2    1 
ATOM   186 N  N3    . DG  A 1 9  ? 5.634   -2.329  1.768   1.00 49.91  ? 9    DG  A N3    1 
ATOM   187 C  C4    . DG  A 1 9  ? 5.925   -1.335  0.902   1.00 42.90  ? 9    DG  A C4    1 
ATOM   188 P  P     . DG  A 1 10 ? 9.273   -5.922  -1.505  1.00 48.05  ? 10   DG  A P     1 
ATOM   189 O  OP1   . DG  A 1 10 ? 10.271  -7.009  -1.284  1.00 59.15  ? 10   DG  A OP1   1 
ATOM   190 O  OP2   . DG  A 1 10 ? 8.906   -5.502  -2.881  1.00 48.00  ? 10   DG  A OP2   1 
ATOM   191 O  "O5'" . DG  A 1 10 ? 7.911   -6.346  -0.790  1.00 51.86  ? 10   DG  A "O5'" 1 
ATOM   192 C  "C5'" . DG  A 1 10 ? 7.920   -6.667  0.599   1.00 52.62  ? 10   DG  A "C5'" 1 
ATOM   193 C  "C4'" . DG  A 1 10 ? 6.658   -7.361  1.008   1.00 48.16  ? 10   DG  A "C4'" 1 
ATOM   194 O  "O4'" . DG  A 1 10 ? 5.652   -6.410  1.403   1.00 45.31  ? 10   DG  A "O4'" 1 
ATOM   195 C  "C3'" . DG  A 1 10 ? 5.987   -8.301  0.011   1.00 42.81  ? 10   DG  A "C3'" 1 
ATOM   196 O  "O3'" . DG  A 1 10 ? 5.456   -9.407  0.756   1.00 48.62  ? 10   DG  A "O3'" 1 
ATOM   197 C  "C2'" . DG  A 1 10 ? 4.837   -7.476  -0.540  1.00 37.72  ? 10   DG  A "C2'" 1 
ATOM   198 C  "C1'" . DG  A 1 10 ? 4.461   -6.595  0.628   1.00 44.04  ? 10   DG  A "C1'" 1 
ATOM   199 N  N9    . DG  A 1 10 ? 3.968   -5.273  0.165   1.00 45.21  ? 10   DG  A N9    1 
ATOM   200 C  C8    . DG  A 1 10 ? 4.550   -4.411  -0.737  1.00 38.07  ? 10   DG  A C8    1 
ATOM   201 N  N7    . DG  A 1 10 ? 3.840   -3.333  -0.908  1.00 32.04  ? 10   DG  A N7    1 
ATOM   202 C  C5    . DG  A 1 10 ? 2.744   -3.509  -0.068  1.00 30.37  ? 10   DG  A C5    1 
ATOM   203 C  C6    . DG  A 1 10 ? 1.636   -2.654  0.162   1.00 35.33  ? 10   DG  A C6    1 
ATOM   204 O  O6    . DG  A 1 10 ? 1.419   -1.548  -0.354  1.00 39.49  ? 10   DG  A O6    1 
ATOM   205 N  N1    . DG  A 1 10 ? 0.758   -3.212  1.081   1.00 35.01  ? 10   DG  A N1    1 
ATOM   206 C  C2    . DG  A 1 10 ? 0.906   -4.425  1.707   1.00 35.34  ? 10   DG  A C2    1 
ATOM   207 N  N2    . DG  A 1 10 ? -0.077  -4.748  2.556   1.00 32.09  ? 10   DG  A N2    1 
ATOM   208 N  N3    . DG  A 1 10 ? 1.935   -5.233  1.502   1.00 38.06  ? 10   DG  A N3    1 
ATOM   209 C  C4    . DG  A 1 10 ? 2.805   -4.707  0.606   1.00 36.02  ? 10   DG  A C4    1 
ATOM   210 P  P     . DG  A 1 11 ? 4.745   -10.625 -0.018  1.00 53.82  ? 11   DG  A P     1 
ATOM   211 O  OP1   . DG  A 1 11 ? 5.054   -11.886 0.717   1.00 74.61  ? 11   DG  A OP1   1 
ATOM   212 O  OP2   . DG  A 1 11 ? 4.988   -10.540 -1.474  1.00 45.32  ? 11   DG  A OP2   1 
ATOM   213 O  "O5'" . DG  A 1 11 ? 3.190   -10.322 0.228   1.00 59.78  ? 11   DG  A "O5'" 1 
ATOM   214 C  "C5'" . DG  A 1 11 ? 2.675   -10.393 1.563   1.00 47.81  ? 11   DG  A "C5'" 1 
ATOM   215 C  "C4'" . DG  A 1 11 ? 1.174   -10.529 1.517   1.00 54.22  ? 11   DG  A "C4'" 1 
ATOM   216 O  "O4'" . DG  A 1 11 ? 0.576   -9.216  1.388   1.00 55.95  ? 11   DG  A "O4'" 1 
ATOM   217 C  "C3'" . DG  A 1 11 ? 0.625   -11.330 0.325   1.00 53.53  ? 11   DG  A "C3'" 1 
ATOM   218 O  "O3'" . DG  A 1 11 ? -0.662  -11.839 0.702   1.00 60.94  ? 11   DG  A "O3'" 1 
ATOM   219 C  "C2'" . DG  A 1 11 ? 0.430   -10.230 -0.716  1.00 47.29  ? 11   DG  A "C2'" 1 
ATOM   220 C  "C1'" . DG  A 1 11 ? -0.117  -9.108  0.149   1.00 47.17  ? 11   DG  A "C1'" 1 
ATOM   221 N  N9    . DG  A 1 11 ? 0.100   -7.795  -0.491  1.00 42.72  ? 11   DG  A N9    1 
ATOM   222 C  C8    . DG  A 1 11 ? 1.134   -7.364  -1.280  1.00 40.62  ? 11   DG  A C8    1 
ATOM   223 N  N7    . DG  A 1 11 ? 0.983   -6.130  -1.668  1.00 43.41  ? 11   DG  A N7    1 
ATOM   224 C  C5    . DG  A 1 11 ? -0.218  -5.713  -1.108  1.00 41.67  ? 11   DG  A C5    1 
ATOM   225 C  C6    . DG  A 1 11 ? -0.889  -4.467  -1.186  1.00 40.53  ? 11   DG  A C6    1 
ATOM   226 O  O6    . DG  A 1 11 ? -0.592  -3.414  -1.774  1.00 47.61  ? 11   DG  A O6    1 
ATOM   227 N  N1    . DG  A 1 11 ? -2.077  -4.476  -0.468  1.00 42.14  ? 11   DG  A N1    1 
ATOM   228 C  C2    . DG  A 1 11 ? -2.556  -5.551  0.238   1.00 46.94  ? 11   DG  A C2    1 
ATOM   229 N  N2    . DG  A 1 11 ? -3.728  -5.313  0.852   1.00 34.29  ? 11   DG  A N2    1 
ATOM   230 N  N3    . DG  A 1 11 ? -1.939  -6.718  0.320   1.00 47.55  ? 11   DG  A N3    1 
ATOM   231 C  C4    . DG  A 1 11 ? -0.776  -6.740  -0.373  1.00 45.88  ? 11   DG  A C4    1 
ATOM   232 P  P     . DT  A 1 12 ? -0.845  -13.297 1.353   1.00 67.04  ? 12   DT  A P     1 
ATOM   233 O  OP1   . DT  A 1 12 ? 0.180   -13.515 2.412   1.00 79.58  ? 12   DT  A OP1   1 
ATOM   234 O  OP2   . DT  A 1 12 ? -0.953  -14.310 0.269   1.00 72.18  ? 12   DT  A OP2   1 
ATOM   235 O  "O5'" . DT  A 1 12 ? -2.258  -13.172 2.080   1.00 63.97  ? 12   DT  A "O5'" 1 
ATOM   236 C  "C5'" . DT  A 1 12 ? -3.453  -13.747 1.546   0.50 66.01  ? 12   DT  A "C5'" 1 
ATOM   237 C  "C4'" . DT  A 1 12 ? -4.456  -13.897 2.668   0.50 67.50  ? 12   DT  A "C4'" 1 
ATOM   238 O  "O4'" . DT  A 1 12 ? -4.149  -12.921 3.699   0.50 70.71  ? 12   DT  A "O4'" 1 
ATOM   239 C  "C3'" . DT  A 1 12 ? -5.908  -13.615 2.273   0.50 69.61  ? 12   DT  A "C3'" 1 
ATOM   240 O  "O3'" . DT  A 1 12 ? -6.557  -14.842 1.902   0.50 84.76  ? 12   DT  A "O3'" 1 
ATOM   241 C  "C2'" . DT  A 1 12 ? -6.499  -13.111 3.579   0.50 65.86  ? 12   DT  A "C2'" 1 
ATOM   242 C  "C1'" . DT  A 1 12 ? -5.343  -12.315 4.165   0.50 60.85  ? 12   DT  A "C1'" 1 
ATOM   243 N  N1    . DT  A 1 12 ? -5.356  -10.871 3.842   0.10 39.48  ? 12   DT  A N1    1 
ATOM   244 C  C2    . DT  A 1 12 ? -5.833  -10.027 4.815   0.10 39.48  ? 12   DT  A C2    1 
ATOM   245 O  O2    . DT  A 1 12 ? -6.236  -10.408 5.902   0.10 39.48  ? 12   DT  A O2    1 
ATOM   246 N  N3    . DT  A 1 12 ? -5.823  -8.698  4.461   0.10 39.48  ? 12   DT  A N3    1 
ATOM   247 C  C4    . DT  A 1 12 ? -5.392  -8.162  3.263   0.10 39.48  ? 12   DT  A C4    1 
ATOM   248 O  O4    . DT  A 1 12 ? -5.444  -6.947  3.093   0.10 39.48  ? 12   DT  A O4    1 
ATOM   249 C  C5    . DT  A 1 12 ? -4.905  -9.113  2.291   0.10 39.48  ? 12   DT  A C5    1 
ATOM   250 C  C7    . DT  A 1 12 ? -4.417  -8.624  0.964   0.10 39.48  ? 12   DT  A C7    1 
ATOM   251 C  C6    . DT  A 1 12 ? -4.911  -10.412 2.625   0.10 39.48  ? 12   DT  A C6    1 
HETATM 252 N  N1    . BRU B 1 1  ? 7.890   0.102   8.130   1.00 41.30  ? 13   BRU B N1    1 
HETATM 253 C  C2    . BRU B 1 1  ? 6.652   0.218   8.714   1.00 42.85  ? 13   BRU B C2    1 
HETATM 254 N  N3    . BRU B 1 1  ? 5.944   1.349   8.359   1.00 39.45  ? 13   BRU B N3    1 
HETATM 255 C  C4    . BRU B 1 1  ? 6.387   2.329   7.493   1.00 42.32  ? 13   BRU B C4    1 
HETATM 256 C  C5    . BRU B 1 1  ? 7.705   2.138   6.916   1.00 39.55  ? 13   BRU B C5    1 
HETATM 257 C  C6    . BRU B 1 1  ? 8.394   1.045   7.254   1.00 36.79  ? 13   BRU B C6    1 
HETATM 258 O  O2    . BRU B 1 1  ? 6.181   -0.599  9.491   1.00 37.85  ? 13   BRU B O2    1 
HETATM 259 O  O4    . BRU B 1 1  ? 5.692   3.305   7.232   1.00 43.14  ? 13   BRU B O4    1 
HETATM 260 BR BR    . BRU B 1 1  ? 8.276   3.488   5.740   1.00 19.10  ? 13   BRU B BR    1 
HETATM 261 C  "C1'" . BRU B 1 1  ? 8.685   -1.094  8.479   1.00 46.10  ? 13   BRU B "C1'" 1 
HETATM 262 C  "C2'" . BRU B 1 1  ? 8.080   -2.430  8.157   1.00 40.66  ? 13   BRU B "C2'" 1 
HETATM 263 C  "C3'" . BRU B 1 1  ? 8.860   -2.901  6.956   1.00 37.37  ? 13   BRU B "C3'" 1 
HETATM 264 C  "C4'" . BRU B 1 1  ? 10.165  -2.123  6.982   1.00 43.74  ? 13   BRU B "C4'" 1 
HETATM 265 O  "O3'" . BRU B 1 1  ? 9.096   -4.306  7.040   1.00 42.96  ? 13   BRU B "O3'" 1 
HETATM 266 O  "O4'" . BRU B 1 1  ? 9.971   -1.030  7.901   1.00 48.55  ? 13   BRU B "O4'" 1 
HETATM 267 C  "C5'" . BRU B 1 1  ? 10.617  -1.565  5.650   1.00 51.00  ? 13   BRU B "C5'" 1 
HETATM 268 O  "O5'" . BRU B 1 1  ? 9.568   -0.782  5.072   1.00 41.38  ? 13   BRU B "O5'" 1 
ATOM   269 P  P     . DA  B 1 2  ? 8.028   -5.353  6.444   1.00 44.99  ? 14   DA  B P     1 
ATOM   270 O  OP1   . DA  B 1 2  ? 8.626   -6.714  6.421   1.00 57.21  ? 14   DA  B OP1   1 
ATOM   271 O  OP2   . DA  B 1 2  ? 7.465   -4.802  5.174   1.00 51.93  ? 14   DA  B OP2   1 
ATOM   272 O  "O5'" . DA  B 1 2  ? 6.838   -5.366  7.498   1.00 42.72  ? 14   DA  B "O5'" 1 
ATOM   273 C  "C5'" . DA  B 1 2  ? 7.027   -5.463  8.904   1.00 37.36  ? 14   DA  B "C5'" 1 
ATOM   274 C  "C4'" . DA  B 1 2  ? 5.689   -5.593  9.594   1.00 41.16  ? 14   DA  B "C4'" 1 
ATOM   275 O  "O4'" . DA  B 1 2  ? 5.051   -4.298  9.669   1.00 39.81  ? 14   DA  B "O4'" 1 
ATOM   276 C  "C3'" . DA  B 1 2  ? 4.671   -6.477  8.859   1.00 43.21  ? 14   DA  B "C3'" 1 
ATOM   277 O  "O3'" . DA  B 1 2  ? 3.680   -6.879  9.819   1.00 45.11  ? 14   DA  B "O3'" 1 
ATOM   278 C  "C2'" . DA  B 1 2  ? 4.043   -5.476  7.891   1.00 44.14  ? 14   DA  B "C2'" 1 
ATOM   279 C  "C1'" . DA  B 1 2  ? 3.943   -4.242  8.767   1.00 44.60  ? 14   DA  B "C1'" 1 
ATOM   280 N  N9    . DA  B 1 2  ? 3.983   -3.015  7.946   1.00 48.92  ? 14   DA  B N9    1 
ATOM   281 C  C8    . DA  B 1 2  ? 4.899   -2.621  6.999   1.00 48.42  ? 14   DA  B C8    1 
ATOM   282 N  N7    . DA  B 1 2  ? 4.620   -1.457  6.464   1.00 47.66  ? 14   DA  B N7    1 
ATOM   283 C  C5    . DA  B 1 2  ? 3.447   -1.064  7.101   1.00 43.26  ? 14   DA  B C5    1 
ATOM   284 C  C6    . DA  B 1 2  ? 2.636   0.077   6.983   1.00 44.15  ? 14   DA  B C6    1 
ATOM   285 N  N6    . DA  B 1 2  ? 2.886   1.089   6.143   1.00 37.45  ? 14   DA  B N6    1 
ATOM   286 N  N1    . DA  B 1 2  ? 1.541   0.141   7.772   1.00 49.73  ? 14   DA  B N1    1 
ATOM   287 C  C2    . DA  B 1 2  ? 1.270   -0.860  8.622   1.00 39.57  ? 14   DA  B C2    1 
ATOM   288 N  N3    . DA  B 1 2  ? 1.964   -1.982  8.816   1.00 39.04  ? 14   DA  B N3    1 
ATOM   289 C  C4    . DA  B 1 2  ? 3.044   -2.019  8.020   1.00 42.44  ? 14   DA  B C4    1 
ATOM   290 P  P     . DG  B 1 3  ? 2.776   -8.168  9.462   1.00 54.79  ? 15   DG  B P     1 
ATOM   291 O  OP1   . DG  B 1 3  ? 2.496   -8.895  10.730  1.00 89.72  ? 15   DG  B OP1   1 
ATOM   292 O  OP2   . DG  B 1 3  ? 3.372   -8.885  8.308   1.00 54.18  ? 15   DG  B OP2   1 
ATOM   293 O  "O5'" . DG  B 1 3  ? 1.395   -7.545  8.959   1.00 48.93  ? 15   DG  B "O5'" 1 
ATOM   294 C  "C5'" . DG  B 1 3  ? 0.650   -6.742  9.872   1.00 47.43  ? 15   DG  B "C5'" 1 
ATOM   295 C  "C4'" . DG  B 1 3  ? -0.457  -6.029  9.160   1.00 47.26  ? 15   DG  B "C4'" 1 
ATOM   296 O  "O4'" . DG  B 1 3  ? 0.044   -4.838  8.504   1.00 41.98  ? 15   DG  B "O4'" 1 
ATOM   297 C  "C3'" . DG  B 1 3  ? -1.215  -6.823  8.089   1.00 51.65  ? 15   DG  B "C3'" 1 
ATOM   298 O  "O3'" . DG  B 1 3  ? -2.615  -6.573  8.308   1.00 60.02  ? 15   DG  B "O3'" 1 
ATOM   299 C  "C2'" . DG  B 1 3  ? -0.804  -6.133  6.788   1.00 43.80  ? 15   DG  B "C2'" 1 
ATOM   300 C  "C1'" . DG  B 1 3  ? -0.672  -4.698  7.271   1.00 39.34  ? 15   DG  B "C1'" 1 
ATOM   301 N  N9    . DG  B 1 3  ? 0.056   -3.863  6.304   1.00 39.02  ? 15   DG  B N9    1 
ATOM   302 C  C8    . DG  B 1 3  ? 1.192   -4.130  5.581   1.00 36.09  ? 15   DG  B C8    1 
ATOM   303 N  N7    . DG  B 1 3  ? 1.542   -3.133  4.819   1.00 42.10  ? 15   DG  B N7    1 
ATOM   304 C  C5    . DG  B 1 3  ? 0.586   -2.150  5.046   1.00 46.08  ? 15   DG  B C5    1 
ATOM   305 C  C6    . DG  B 1 3  ? 0.438   -0.845  4.504   1.00 45.19  ? 15   DG  B C6    1 
ATOM   306 O  O6    . DG  B 1 3  ? 1.147   -0.262  3.678   1.00 35.52  ? 15   DG  B O6    1 
ATOM   307 N  N1    . DG  B 1 3  ? -0.674  -0.183  5.010   1.00 41.08  ? 15   DG  B N1    1 
ATOM   308 C  C2    . DG  B 1 3  ? -1.539  -0.723  5.931   1.00 44.54  ? 15   DG  B C2    1 
ATOM   309 N  N2    . DG  B 1 3  ? -2.553  0.076   6.297   1.00 58.92  ? 15   DG  B N2    1 
ATOM   310 N  N3    . DG  B 1 3  ? -1.417  -1.933  6.447   1.00 43.64  ? 15   DG  B N3    1 
ATOM   311 C  C4    . DG  B 1 3  ? -0.342  -2.588  5.964   1.00 41.82  ? 15   DG  B C4    1 
ATOM   312 P  P     . DG  B 1 4  ? -3.720  -7.694  7.973   1.00 62.96  ? 16   DG  B P     1 
ATOM   313 O  OP1   . DG  B 1 4  ? -4.107  -8.365  9.243   1.00 80.31  ? 16   DG  B OP1   1 
ATOM   314 O  OP2   . DG  B 1 4  ? -3.254  -8.521  6.832   1.00 62.58  ? 16   DG  B OP2   1 
ATOM   315 O  "O5'" . DG  B 1 4  ? -4.957  -6.802  7.469   1.00 60.22  ? 16   DG  B "O5'" 1 
ATOM   316 C  "C5'" . DG  B 1 4  ? -4.954  -5.412  7.790   1.00 61.54  ? 16   DG  B "C5'" 1 
ATOM   317 C  "C4'" . DG  B 1 4  ? -5.927  -4.612  6.979   1.00 67.57  ? 16   DG  B "C4'" 1 
ATOM   318 O  "O4'" . DG  B 1 4  ? -5.294  -3.431  6.444   1.00 66.85  ? 16   DG  B "O4'" 1 
ATOM   319 C  "C3'" . DG  B 1 4  ? -6.654  -5.289  5.834   1.00 68.25  ? 16   DG  B "C3'" 1 
ATOM   320 O  "O3'" . DG  B 1 4  ? -8.071  -5.132  5.997   1.00 76.00  ? 16   DG  B "O3'" 1 
ATOM   321 C  "C2'" . DG  B 1 4  ? -6.204  -4.578  4.582   1.00 59.82  ? 16   DG  B "C2'" 1 
ATOM   322 C  "C1'" . DG  B 1 4  ? -5.506  -3.325  5.055   1.00 59.28  ? 16   DG  B "C1'" 1 
ATOM   323 N  N9    . DG  B 1 4  ? -4.264  -3.106  4.284   1.00 54.53  ? 16   DG  B N9    1 
ATOM   324 C  C8    . DG  B 1 4  ? -3.120  -3.856  4.208   1.00 54.22  ? 16   DG  B C8    1 
ATOM   325 N  N7    . DG  B 1 4  ? -2.216  -3.344  3.410   1.00 47.73  ? 16   DG  B N7    1 
ATOM   326 C  C5    . DG  B 1 4  ? -2.804  -2.182  2.930   1.00 51.97  ? 16   DG  B C5    1 
ATOM   327 C  C6    . DG  B 1 4  ? -2.336  -1.190  2.029   1.00 55.57  ? 16   DG  B C6    1 
ATOM   328 O  O6    . DG  B 1 4  ? -1.250  -1.126  1.439   1.00 61.57  ? 16   DG  B O6    1 
ATOM   329 N  N1    . DG  B 1 4  ? -3.270  -0.176  1.821   1.00 54.46  ? 16   DG  B N1    1 
ATOM   330 C  C2    . DG  B 1 4  ? -4.510  -0.125  2.412   1.00 56.72  ? 16   DG  B C2    1 
ATOM   331 N  N2    . DG  B 1 4  ? -5.289  0.923   2.102   1.00 63.09  ? 16   DG  B N2    1 
ATOM   332 N  N3    . DG  B 1 4  ? -4.961  -1.039  3.251   1.00 51.64  ? 16   DG  B N3    1 
ATOM   333 C  C4    . DG  B 1 4  ? -4.069  -2.027  3.462   1.00 50.12  ? 16   DG  B C4    1 
ATOM   334 P  P     . DG  B 1 5  ? -9.056  -5.353  4.742   1.00 79.89  ? 17   DG  B P     1 
ATOM   335 O  OP1   . DG  B 1 5  ? -10.457 -5.430  5.248   1.00 86.80  ? 17   DG  B OP1   1 
ATOM   336 O  OP2   . DG  B 1 5  ? -8.560  -6.447  3.864   1.00 53.60  ? 17   DG  B OP2   1 
ATOM   337 O  "O5'" . DG  B 1 5  ? -8.942  -3.986  3.919   1.00 86.50  ? 17   DG  B "O5'" 1 
ATOM   338 C  "C5'" . DG  B 1 5  ? -9.648  -2.832  4.375   1.00 88.97  ? 17   DG  B "C5'" 1 
ATOM   339 C  "C4'" . DG  B 1 5  ? -10.274 -2.090  3.226   1.00 89.63  ? 17   DG  B "C4'" 1 
ATOM   340 O  "O4'" . DG  B 1 5  ? -9.252  -1.403  2.467   1.00 91.33  ? 17   DG  B "O4'" 1 
ATOM   341 C  "C3'" . DG  B 1 5  ? -11.020 -2.944  2.195   1.00 87.59  ? 17   DG  B "C3'" 1 
ATOM   342 O  "O3'" . DG  B 1 5  ? -12.016 -2.121  1.566   1.00 88.64  ? 17   DG  B "O3'" 1 
ATOM   343 C  "C2'" . DG  B 1 5  ? -9.929  -3.275  1.189   1.00 83.36  ? 17   DG  B "C2'" 1 
ATOM   344 C  "C1'" . DG  B 1 5  ? -9.068  -2.032  1.204   1.00 84.02  ? 17   DG  B "C1'" 1 
ATOM   345 N  N9    . DG  B 1 5  ? -7.650  -2.366  0.956   1.00 71.28  ? 17   DG  B N9    1 
ATOM   346 C  C8    . DG  B 1 5  ? -6.877  -3.378  1.461   1.00 61.45  ? 17   DG  B C8    1 
ATOM   347 N  N7    . DG  B 1 5  ? -5.655  -3.346  1.003   1.00 66.87  ? 17   DG  B N7    1 
ATOM   348 C  C5    . DG  B 1 5  ? -5.615  -2.251  0.145   1.00 64.75  ? 17   DG  B C5    1 
ATOM   349 C  C6    . DG  B 1 5  ? -4.565  -1.711  -0.644  1.00 59.98  ? 17   DG  B C6    1 
ATOM   350 O  O6    . DG  B 1 5  ? -3.394  -2.095  -0.763  1.00 61.09  ? 17   DG  B O6    1 
ATOM   351 N  N1    . DG  B 1 5  ? -4.979  -0.590  -1.359  1.00 57.16  ? 17   DG  B N1    1 
ATOM   352 C  C2    . DG  B 1 5  ? -6.246  -0.062  -1.316  1.00 53.55  ? 17   DG  B C2    1 
ATOM   353 N  N2    . DG  B 1 5  ? -6.469  1.020   -2.070  1.00 50.77  ? 17   DG  B N2    1 
ATOM   354 N  N3    . DG  B 1 5  ? -7.233  -0.550  -0.590  1.00 55.85  ? 17   DG  B N3    1 
ATOM   355 C  C4    . DG  B 1 5  ? -6.846  -1.636  0.110   1.00 64.36  ? 17   DG  B C4    1 
HETATM 356 N  N1    . BRU B 1 6  ? -13.280 -4.988  7.350   0.00 39.48  ? 18   BRU B N1    1 
HETATM 357 C  C2    . BRU B 1 6  ? -13.398 -6.319  7.717   0.00 39.48  ? 18   BRU B C2    1 
HETATM 358 N  N3    . BRU B 1 6  ? -12.281 -6.795  8.279   0.00 39.48  ? 18   BRU B N3    1 
HETATM 359 C  C4    . BRU B 1 6  ? -11.093 -6.120  8.506   0.00 39.48  ? 18   BRU B C4    1 
HETATM 360 C  C5    . BRU B 1 6  ? -11.029 -4.739  8.096   0.00 39.48  ? 18   BRU B C5    1 
HETATM 361 C  C6    . BRU B 1 6  ? -12.143 -4.243  7.533   0.00 39.48  ? 18   BRU B C6    1 
HETATM 362 O  O2    . BRU B 1 6  ? -14.416 -6.944  7.538   0.00 39.48  ? 18   BRU B O2    1 
HETATM 363 O  O4    . BRU B 1 6  ? -10.169 -6.725  9.033   0.00 39.48  ? 18   BRU B O4    1 
HETATM 364 BR BR    . BRU B 1 6  ? -9.443  -3.766  8.380   0.00 39.48  ? 18   BRU B BR    1 
HETATM 365 C  "C1'" . BRU B 1 6  ? -14.489 -4.429  6.728   0.00 39.48  ? 18   BRU B "C1'" 1 
HETATM 366 C  "C2'" . BRU B 1 6  ? -15.070 -3.170  7.324   0.00 39.48  ? 18   BRU B "C2'" 1 
HETATM 367 C  "C3'" . BRU B 1 6  ? -15.928 -2.718  6.184   0.00 39.48  ? 18   BRU B "C3'" 1 
HETATM 368 C  "C4'" . BRU B 1 6  ? -15.353 -3.337  4.924   0.00 39.48  ? 18   BRU B "C4'" 1 
HETATM 369 O  "O3'" . BRU B 1 6  ? -17.289 -3.023  6.435   0.00 39.48  ? 18   BRU B "O3'" 1 
HETATM 370 O  "O4'" . BRU B 1 6  ? -14.272 -4.189  5.346   0.00 39.48  ? 18   BRU B "O4'" 1 
HETATM 371 C  "C5'" . BRU B 1 6  ? -14.854 -2.345  3.900   0.00 39.48  ? 18   BRU B "C5'" 1 
HETATM 372 O  "O5'" . BRU B 1 6  ? -13.780 -2.932  3.166   0.00 39.48  ? 18   BRU B "O5'" 1 
HETATM 373 P  P     . BRU B 1 6  ? -13.574 -2.532  1.638   1.00 75.01  ? 18   BRU B P     1 
HETATM 374 O  OP1   . BRU B 1 6  ? -13.801 -3.755  0.812   1.00 63.36  ? 18   BRU B OP1   1 
HETATM 375 O  OP2   . BRU B 1 6  ? -14.401 -1.326  1.358   1.00 97.23  ? 18   BRU B OP2   1 
ATOM   376 P  P     . DT  B 1 7  ? -18.371 -1.810  6.264   0.00 39.48  ? 19   DT  B P     1 
ATOM   377 O  OP1   . DT  B 1 7  ? -19.735 -2.404  6.283   0.00 39.48  ? 19   DT  B OP1   1 
ATOM   378 O  OP2   . DT  B 1 7  ? -17.953 -0.996  5.088   0.00 39.48  ? 19   DT  B OP2   1 
ATOM   379 O  "O5'" . DT  B 1 7  ? -18.203 -0.913  7.563   0.00 39.48  ? 19   DT  B "O5'" 1 
ATOM   380 C  "C5'" . DT  B 1 7  ? -18.333 0.508   7.457   0.00 39.48  ? 19   DT  B "C5'" 1 
ATOM   381 C  "C4'" . DT  B 1 7  ? -17.790 1.156   8.707   0.00 39.48  ? 19   DT  B "C4'" 1 
ATOM   382 O  "O4'" . DT  B 1 7  ? -18.329 0.464   9.872   0.00 39.48  ? 19   DT  B "O4'" 1 
ATOM   383 C  "C3'" . DT  B 1 7  ? -16.265 1.028   8.874   0.00 39.48  ? 19   DT  B "C3'" 1 
ATOM   384 O  "O3'" . DT  B 1 7  ? -15.589 2.077   8.184   0.00 39.48  ? 19   DT  B "O3'" 1 
ATOM   385 C  "C2'" . DT  B 1 7  ? -16.146 1.201   10.384  0.00 39.48  ? 19   DT  B "C2'" 1 
ATOM   386 C  "C1'" . DT  B 1 7  ? -17.298 0.302   10.835  0.00 39.48  ? 19   DT  B "C1'" 1 
ATOM   387 N  N1    . DT  B 1 7  ? -16.927 -1.102  11.042  0.00 39.48  ? 19   DT  B N1    1 
ATOM   388 C  C2    . DT  B 1 7  ? -16.025 -1.243  12.101  0.00 39.48  ? 19   DT  B C2    1 
ATOM   389 O  O2    . DT  B 1 7  ? -15.652 -0.287  12.717  0.00 39.48  ? 19   DT  B O2    1 
ATOM   390 N  N3    . DT  B 1 7  ? -15.673 -2.490  12.291  0.00 39.48  ? 19   DT  B N3    1 
ATOM   391 C  C4    . DT  B 1 7  ? -16.079 -3.636  11.621  0.00 39.48  ? 19   DT  B C4    1 
ATOM   392 O  O4    . DT  B 1 7  ? -15.631 -4.725  11.973  0.00 39.48  ? 19   DT  B O4    1 
ATOM   393 C  C5    . DT  B 1 7  ? -17.007 -3.438  10.536  0.00 39.48  ? 19   DT  B C5    1 
ATOM   394 C  C7    . DT  B 1 7  ? -17.482 -4.641  9.763   0.00 39.48  ? 19   DT  B C7    1 
ATOM   395 C  C6    . DT  B 1 7  ? -17.381 -2.154  10.310  0.00 39.48  ? 19   DT  B C6    1 
ATOM   396 P  P     . DA  B 1 8  ? -14.387 1.747   7.165   0.00 39.48  ? 20   DA  B P     1 
ATOM   397 O  OP1   . DA  B 1 8  ? -14.097 2.945   6.331   0.00 39.48  ? 20   DA  B OP1   1 
ATOM   398 O  OP2   . DA  B 1 8  ? -14.642 0.448   6.486   0.00 39.48  ? 20   DA  B OP2   1 
ATOM   399 O  "O5'" . DA  B 1 8  ? -13.157 1.532   8.164   0.00 39.48  ? 20   DA  B "O5'" 1 
ATOM   400 C  "C5'" . DA  B 1 8  ? -12.890 2.492   9.190   0.00 39.48  ? 20   DA  B "C5'" 1 
ATOM   401 C  "C4'" . DA  B 1 8  ? -11.480 2.270   9.712   0.00 39.48  ? 20   DA  B "C4'" 1 
ATOM   402 O  "O4'" . DA  B 1 8  ? -11.540 1.210   10.693  0.00 39.48  ? 20   DA  B "O4'" 1 
ATOM   403 C  "C3'" . DA  B 1 8  ? -10.530 1.777   8.617   0.00 39.48  ? 20   DA  B "C3'" 1 
ATOM   404 O  "O3'" . DA  B 1 8  ? -9.215  2.273   8.877   0.00 39.48  ? 20   DA  B "O3'" 1 
ATOM   405 C  "C2'" . DA  B 1 8  ? -10.615 0.275   8.737   0.00 39.48  ? 20   DA  B "C2'" 1 
ATOM   406 C  "C1'" . DA  B 1 8  ? -10.834 0.069   10.223  0.00 39.48  ? 20   DA  B "C1'" 1 
ATOM   407 N  N9    . DA  B 1 8  ? -11.582 -1.183  10.463  0.00 39.48  ? 20   DA  B N9    1 
ATOM   408 C  C8    . DA  B 1 8  ? -12.815 -1.575  10.012  0.00 39.48  ? 20   DA  B C8    1 
ATOM   409 N  N7    . DA  B 1 8  ? -13.169 -2.768  10.430  0.00 39.48  ? 20   DA  B N7    1 
ATOM   410 C  C5    . DA  B 1 8  ? -12.094 -3.180  11.204  0.00 39.48  ? 20   DA  B C5    1 
ATOM   411 C  C6    . DA  B 1 8  ? -11.843 -4.354  11.930  0.00 39.48  ? 20   DA  B C6    1 
ATOM   412 N  N6    . DA  B 1 8  ? -12.697 -5.377  11.999  0.00 39.48  ? 20   DA  B N6    1 
ATOM   413 N  N1    . DA  B 1 8  ? -10.665 -4.432  12.590  0.00 39.48  ? 20   DA  B N1    1 
ATOM   414 C  C2    . DA  B 1 8  ? -9.804  -3.413  12.527  0.00 39.48  ? 20   DA  B C2    1 
ATOM   415 N  N3    . DA  B 1 8  ? -9.929  -2.257  11.876  0.00 39.48  ? 20   DA  B N3    1 
ATOM   416 C  C4    . DA  B 1 8  ? -11.106 -2.213  11.235  0.00 39.48  ? 20   DA  B C4    1 
ATOM   417 P  P     . DG  B 1 9  ? -8.807  3.636   8.104   1.00 82.34  ? 21   DG  B P     1 
ATOM   418 O  OP1   . DG  B 1 9  ? -7.842  4.410   8.932   1.00 109.71 ? 21   DG  B OP1   1 
ATOM   419 O  OP2   . DG  B 1 9  ? -10.045 4.328   7.645   1.00 93.38  ? 21   DG  B OP2   1 
ATOM   420 O  "O5'" . DG  B 1 9  ? -8.046  3.077   6.817   1.00 83.27  ? 21   DG  B "O5'" 1 
ATOM   421 C  "C5'" . DG  B 1 9  ? -8.480  3.413   5.501   1.00 81.10  ? 21   DG  B "C5'" 1 
ATOM   422 C  "C4'" . DG  B 1 9  ? -8.016  4.799   5.123   1.00 74.34  ? 21   DG  B "C4'" 1 
ATOM   423 O  "O4'" . DG  B 1 9  ? -6.725  5.068   5.707   1.00 75.57  ? 21   DG  B "O4'" 1 
ATOM   424 C  "C3'" . DG  B 1 9  ? -7.892  5.068   3.631   1.00 69.75  ? 21   DG  B "C3'" 1 
ATOM   425 O  "O3'" . DG  B 1 9  ? -8.807  6.107   3.259   1.00 67.91  ? 21   DG  B "O3'" 1 
ATOM   426 C  "C2'" . DG  B 1 9  ? -6.477  5.528   3.400   1.00 70.80  ? 21   DG  B "C2'" 1 
ATOM   427 C  "C1'" . DG  B 1 9  ? -5.761  5.306   4.702   1.00 68.38  ? 21   DG  B "C1'" 1 
ATOM   428 N  N9    . DG  B 1 9  ? -4.752  4.236   4.589   1.00 58.81  ? 21   DG  B N9    1 
ATOM   429 C  C8    . DG  B 1 9  ? -4.594  3.081   5.310   1.00 52.20  ? 21   DG  B C8    1 
ATOM   430 N  N7    . DG  B 1 9  ? -3.572  2.365   4.919   1.00 48.15  ? 21   DG  B N7    1 
ATOM   431 C  C5    . DG  B 1 9  ? -3.025  3.099   3.871   1.00 53.76  ? 21   DG  B C5    1 
ATOM   432 C  C6    . DG  B 1 9  ? -1.901  2.839   3.044   1.00 51.12  ? 21   DG  B C6    1 
ATOM   433 O  O6    . DG  B 1 9  ? -1.149  1.864   3.092   1.00 50.74  ? 21   DG  B O6    1 
ATOM   434 N  N1    . DG  B 1 9  ? -1.693  3.842   2.104   1.00 53.13  ? 21   DG  B N1    1 
ATOM   435 C  C2    . DG  B 1 9  ? -2.481  4.964   1.978   1.00 55.33  ? 21   DG  B C2    1 
ATOM   436 N  N2    . DG  B 1 9  ? -2.143  5.834   1.019   1.00 39.97  ? 21   DG  B N2    1 
ATOM   437 N  N3    . DG  B 1 9  ? -3.530  5.222   2.738   1.00 55.10  ? 21   DG  B N3    1 
ATOM   438 C  C4    . DG  B 1 9  ? -3.740  4.254   3.655   1.00 54.88  ? 21   DG  B C4    1 
ATOM   439 P  P     . DG  B 1 10 ? -9.627  5.938   1.882   1.00 72.19  ? 22   DG  B P     1 
ATOM   440 O  OP1   . DG  B 1 10 ? -10.571 7.083   1.762   1.00 72.91  ? 22   DG  B OP1   1 
ATOM   441 O  OP2   . DG  B 1 10 ? -10.164 4.550   1.790   1.00 70.22  ? 22   DG  B OP2   1 
ATOM   442 O  "O5'" . DG  B 1 10 ? -8.520  6.067   0.733   1.00 67.49  ? 22   DG  B "O5'" 1 
ATOM   443 C  "C5'" . DG  B 1 10 ? -7.627  7.175   0.721   1.00 64.02  ? 22   DG  B "C5'" 1 
ATOM   444 C  "C4'" . DG  B 1 10 ? -7.033  7.423   -0.632  1.00 61.74  ? 22   DG  B "C4'" 1 
ATOM   445 O  "O4'" . DG  B 1 10 ? -5.682  6.912   -0.697  1.00 58.52  ? 22   DG  B "O4'" 1 
ATOM   446 C  "C3'" . DG  B 1 10 ? -7.749  6.829   -1.844  1.00 61.49  ? 22   DG  B "C3'" 1 
ATOM   447 O  "O3'" . DG  B 1 10 ? -7.503  7.686   -2.974  1.00 70.14  ? 22   DG  B "O3'" 1 
ATOM   448 C  "C2'" . DG  B 1 10 ? -7.023  5.513   -2.055  1.00 59.65  ? 22   DG  B "C2'" 1 
ATOM   449 C  "C1'" . DG  B 1 10 ? -5.609  5.821   -1.609  1.00 58.00  ? 22   DG  B "C1'" 1 
ATOM   450 N  N9    . DG  B 1 10 ? -4.988  4.632   -0.981  1.00 54.08  ? 22   DG  B N9    1 
ATOM   451 C  C8    . DG  B 1 10 ? -5.463  3.843   0.043   1.00 52.13  ? 22   DG  B C8    1 
ATOM   452 N  N7    . DG  B 1 10 ? -4.652  2.871   0.349   1.00 50.04  ? 22   DG  B N7    1 
ATOM   453 C  C5    . DG  B 1 10 ? -3.580  3.029   -0.526  1.00 55.19  ? 22   DG  B C5    1 
ATOM   454 C  C6    . DG  B 1 10 ? -2.391  2.267   -0.666  1.00 50.39  ? 22   DG  B C6    1 
ATOM   455 O  O6    . DG  B 1 10 ? -2.059  1.269   -0.010  1.00 51.75  ? 22   DG  B O6    1 
ATOM   456 N  N1    . DG  B 1 10 ? -1.568  2.764   -1.671  1.00 43.28  ? 22   DG  B N1    1 
ATOM   457 C  C2    . DG  B 1 10 ? -1.853  3.861   -2.447  1.00 45.35  ? 22   DG  B C2    1 
ATOM   458 N  N2    . DG  B 1 10 ? -0.936  4.191   -3.368  1.00 41.81  ? 22   DG  B N2    1 
ATOM   459 N  N3    . DG  B 1 10 ? -2.956  4.579   -2.328  1.00 51.13  ? 22   DG  B N3    1 
ATOM   460 C  C4    . DG  B 1 10 ? -3.775  4.117   -1.356  1.00 53.95  ? 22   DG  B C4    1 
ATOM   461 P  P     . DG  B 1 11 ? -8.408  7.484   -4.296  1.00 71.41  ? 23   DG  B P     1 
ATOM   462 O  OP1   . DG  B 1 11 ? -8.801  8.823   -4.814  1.00 80.85  ? 23   DG  B OP1   1 
ATOM   463 O  OP2   . DG  B 1 11 ? -9.463  6.479   -4.002  1.00 54.14  ? 23   DG  B OP2   1 
ATOM   464 O  "O5'" . DG  B 1 11 ? -7.394  6.856   -5.365  1.00 66.09  ? 23   DG  B "O5'" 1 
ATOM   465 C  "C5'" . DG  B 1 11 ? -6.017  7.198   -5.258  1.00 70.38  ? 23   DG  B "C5'" 1 
ATOM   466 C  "C4'" . DG  B 1 11 ? -5.250  6.944   -6.518  1.00 73.91  ? 23   DG  B "C4'" 1 
ATOM   467 O  "O4'" . DG  B 1 11 ? -4.168  6.010   -6.270  1.00 69.72  ? 23   DG  B "O4'" 1 
ATOM   468 C  "C3'" . DG  B 1 11 ? -5.995  6.328   -7.711  1.00 70.57  ? 23   DG  B "C3'" 1 
ATOM   469 O  "O3'" . DG  B 1 11 ? -5.187  6.586   -8.874  1.00 73.25  ? 23   DG  B "O3'" 1 
ATOM   470 C  "C2'" . DG  B 1 11 ? -5.905  4.843   -7.377  1.00 64.87  ? 23   DG  B "C2'" 1 
ATOM   471 C  "C1'" . DG  B 1 11 ? -4.514  4.727   -6.782  1.00 64.29  ? 23   DG  B "C1'" 1 
ATOM   472 N  N9    . DG  B 1 11 ? -4.491  3.701   -5.716  1.00 57.79  ? 23   DG  B N9    1 
ATOM   473 C  C8    . DG  B 1 11 ? -5.456  3.372   -4.798  1.00 60.11  ? 23   DG  B C8    1 
ATOM   474 N  N7    . DG  B 1 11 ? -5.085  2.407   -4.001  1.00 61.51  ? 23   DG  B N7    1 
ATOM   475 C  C5    . DG  B 1 11 ? -3.801  2.083   -4.421  1.00 59.84  ? 23   DG  B C5    1 
ATOM   476 C  C6    . DG  B 1 11 ? -2.896  1.104   -3.925  1.00 50.33  ? 23   DG  B C6    1 
ATOM   477 O  O6    . DG  B 1 11 ? -3.078  0.316   -2.989  1.00 45.98  ? 23   DG  B O6    1 
ATOM   478 N  N1    . DG  B 1 11 ? -1.702  1.108   -4.635  1.00 44.69  ? 23   DG  B N1    1 
ATOM   479 C  C2    . DG  B 1 11 ? -1.428  1.952   -5.686  1.00 46.78  ? 23   DG  B C2    1 
ATOM   480 N  N2    . DG  B 1 11 ? -0.223  1.808   -6.248  1.00 44.01  ? 23   DG  B N2    1 
ATOM   481 N  N3    . DG  B 1 11 ? -2.257  2.871   -6.164  1.00 47.00  ? 23   DG  B N3    1 
ATOM   482 C  C4    . DG  B 1 11 ? -3.421  2.878   -5.483  1.00 55.06  ? 23   DG  B C4    1 
ATOM   483 P  P     . DT  B 1 12 ? -5.806  6.577   -10.354 1.00 73.74  ? 24   DT  B P     1 
ATOM   484 O  OP1   . DT  B 1 12 ? -5.225  7.705   -11.139 1.00 52.86  ? 24   DT  B OP1   1 
ATOM   485 O  OP2   . DT  B 1 12 ? -7.284  6.428   -10.263 1.00 46.81  ? 24   DT  B OP2   1 
ATOM   486 O  "O5'" . DT  B 1 12 ? -5.228  5.230   -11.001 1.00 77.25  ? 24   DT  B "O5'" 1 
ATOM   487 C  "C5'" . DT  B 1 12 ? -3.845  4.919   -10.822 1.00 85.78  ? 24   DT  B "C5'" 1 
ATOM   488 C  "C4'" . DT  B 1 12 ? -3.579  3.484   -11.191 1.00 88.60  ? 24   DT  B "C4'" 1 
ATOM   489 O  "O4'" . DT  B 1 12 ? -3.462  2.671   -9.997  1.00 85.23  ? 24   DT  B "O4'" 1 
ATOM   490 C  "C3'" . DT  B 1 12 ? -4.632  2.816   -12.071 1.00 87.84  ? 24   DT  B "C3'" 1 
ATOM   491 O  "O3'" . DT  B 1 12 ? -4.015  2.138   -13.168 1.00 76.52  ? 24   DT  B "O3'" 1 
ATOM   492 C  "C2'" . DT  B 1 12 ? -5.326  1.846   -11.132 1.00 82.67  ? 24   DT  B "C2'" 1 
ATOM   493 C  "C1'" . DT  B 1 12 ? -4.194  1.465   -10.194 1.00 78.81  ? 24   DT  B "C1'" 1 
ATOM   494 N  N1    . DT  B 1 12 ? -4.594  0.880   -8.901  1.00 67.59  ? 24   DT  B N1    1 
ATOM   495 C  C2    . DT  B 1 12 ? -3.628  0.150   -8.241  1.00 57.03  ? 24   DT  B C2    1 
ATOM   496 O  O2    . DT  B 1 12 ? -2.506  -0.004  -8.700  1.00 55.18  ? 24   DT  B O2    1 
ATOM   497 N  N3    . DT  B 1 12 ? -4.041  -0.376  -7.045  1.00 45.17  ? 24   DT  B N3    1 
ATOM   498 C  C4    . DT  B 1 12 ? -5.278  -0.255  -6.450  1.00 50.99  ? 24   DT  B C4    1 
ATOM   499 O  O4    . DT  B 1 12 ? -5.498  -0.791  -5.361  1.00 54.38  ? 24   DT  B O4    1 
ATOM   500 C  C5    . DT  B 1 12 ? -6.236  0.524   -7.200  1.00 56.41  ? 24   DT  B C5    1 
ATOM   501 C  C7    . DT  B 1 12 ? -7.607  0.704   -6.624  1.00 56.99  ? 24   DT  B C7    1 
ATOM   502 C  C6    . DT  B 1 12 ? -5.849  1.046   -8.375  1.00 62.36  ? 24   DT  B C6    1 
HETATM 503 K  K     . K   C 2 .  ? -1.054  -0.938  -1.513  1.00 43.74  ? 25   K   A K     1 
HETATM 504 K  K     . K   D 2 .  ? 0.548   0.768   1.066   1.00 42.15  ? 26   K   A K     1 
HETATM 505 NA NA    . NA  E 3 .  ? 12.092  5.030   -13.957 1.00 62.13  ? 27   NA  A NA    1 
HETATM 506 O  O     . HOH F 4 .  ? 9.391   1.840   -2.913  1.00 45.10  ? 2001 HOH A O     1 
HETATM 507 O  O     . HOH F 4 .  ? 5.921   -3.564  -4.562  1.00 53.48  ? 2002 HOH A O     1 
HETATM 508 O  O     . HOH F 4 .  ? 10.804  -1.650  -7.621  1.00 44.32  ? 2003 HOH A O     1 
HETATM 509 O  O     . HOH F 4 .  ? 10.368  -2.005  -5.027  1.00 55.42  ? 2007 HOH A O     1 
HETATM 510 O  O     . HOH F 4 .  ? 2.930   -9.539  -3.180  1.00 39.66  ? 2008 HOH A O     1 
HETATM 511 O  O     . HOH F 4 .  ? -2.129  8.215   -2.951  1.00 57.91  ? 2009 HOH A O     1 
HETATM 512 O  O     . HOH F 4 .  ? 9.902   6.738   -12.558 1.00 51.38  ? 2010 HOH A O     1 
HETATM 513 O  O     . HOH F 4 .  ? 7.861   3.676   -3.351  1.00 49.34  ? 2013 HOH A O     1 
HETATM 514 O  O     . HOH F 4 .  ? 8.557   5.033   -5.494  1.00 49.22  ? 2015 HOH A O     1 
HETATM 515 O  O     . HOH F 4 .  ? 12.503  -1.375  -16.131 1.00 46.82  ? 2016 HOH A O     1 
HETATM 516 O  O     . HOH F 4 .  ? 1.495   0.524   -10.102 1.00 49.01  ? 2017 HOH A O     1 
HETATM 517 O  O     . HOH F 4 .  ? 4.864   9.411   -0.577  0.50 43.23  ? 2019 HOH A O     1 
HETATM 518 O  O     . HOH F 4 .  ? 4.366   -6.703  -4.010  1.00 51.58  ? 2020 HOH A O     1 
HETATM 519 O  O     . HOH F 4 .  ? 2.367   4.910   -11.330 1.00 57.89  ? 2022 HOH A O     1 
HETATM 520 O  O     . HOH F 4 .  ? 11.053  8.374   -10.785 0.50 43.30  ? 2023 HOH A O     1 
HETATM 521 O  O     . HOH F 4 .  ? 12.040  -4.996  -10.313 1.00 54.58  ? 2026 HOH A O     1 
HETATM 522 O  O     . HOH F 4 .  ? 8.853   -0.380  -3.146  1.00 56.54  ? 2029 HOH A O     1 
HETATM 523 O  O     . HOH F 4 .  ? 7.930   7.876   -8.405  1.00 56.51  ? 2035 HOH A O     1 
HETATM 524 O  O     . HOH F 4 .  ? 10.161  5.649   -3.152  1.00 58.67  ? 2036 HOH A O     1 
HETATM 525 O  O     . HOH F 4 .  ? 7.126   0.459   -12.906 1.00 55.19  ? 2037 HOH A O     1 
HETATM 526 O  O     . HOH F 4 .  ? 11.230  -5.131  -13.668 1.00 64.80  ? 2038 HOH A O     1 
HETATM 527 O  O     . HOH F 4 .  ? 5.650   -9.611  -10.684 0.50 51.39  ? 2039 HOH A O     1 
HETATM 528 O  O     . HOH F 4 .  ? 12.393  -4.076  -4.402  1.00 56.14  ? 2040 HOH A O     1 
HETATM 529 O  O     . HOH F 4 .  ? 6.759   -1.126  -4.540  1.00 60.90  ? 2042 HOH A O     1 
HETATM 530 O  O     . HOH F 4 .  ? 6.103   9.557   -7.418  1.00 63.94  ? 2043 HOH A O     1 
HETATM 531 O  O     . HOH F 4 .  ? -4.438  13.351  -0.662  0.50 58.50  ? 2047 HOH A O     1 
HETATM 532 O  O     . HOH F 4 .  ? 12.308  -2.569  2.084   1.00 78.99  ? 2049 HOH A O     1 
HETATM 533 O  O     . HOH G 4 .  ? 8.252   -3.025  3.230   1.00 44.21  ? 2004 HOH B O     1 
HETATM 534 O  O     . HOH G 4 .  ? 5.472   -5.731  4.173   1.00 44.20  ? 2005 HOH B O     1 
HETATM 535 O  O     . HOH G 4 .  ? -1.582  6.385   -5.447  1.00 54.69  ? 2006 HOH B O     1 
HETATM 536 O  O     . HOH G 4 .  ? 6.694   -8.886  6.918   1.00 58.75  ? 2011 HOH B O     1 
HETATM 537 O  O     . HOH G 4 .  ? -0.231  -1.232  -8.219  1.00 50.96  ? 2012 HOH B O     1 
HETATM 538 O  O     . HOH G 4 .  ? -7.718  4.177   -10.220 1.00 60.27  ? 2014 HOH B O     1 
HETATM 539 O  O     . HOH G 4 .  ? -8.984  6.338   7.981   1.00 59.59  ? 2018 HOH B O     1 
HETATM 540 O  O     . HOH G 4 .  ? -8.521  4.465   -4.993  1.00 59.36  ? 2021 HOH B O     1 
HETATM 541 O  O     . HOH G 4 .  ? 5.323   5.732   8.415   1.00 51.13  ? 2024 HOH B O     1 
HETATM 542 O  O     . HOH G 4 .  ? -9.380  0.958   -1.891  0.50 52.42  ? 2025 HOH B O     1 
HETATM 543 O  O     . HOH G 4 .  ? 2.885   -7.093  4.867   0.50 38.21  ? 2027 HOH B O     1 
HETATM 544 O  O     . HOH G 4 .  ? 1.032   -3.470  11.112  0.50 36.25  ? 2028 HOH B O     1 
HETATM 545 O  O     . HOH G 4 .  ? -2.803  -2.081  8.645   1.00 52.85  ? 2030 HOH B O     1 
HETATM 546 O  O     . HOH G 4 .  ? 0.342   0.095   -12.220 1.00 57.28  ? 2031 HOH B O     1 
HETATM 547 O  O     . HOH G 4 .  ? -3.515  8.074   -0.004  1.00 69.10  ? 2032 HOH B O     1 
HETATM 548 O  O     . HOH G 4 .  ? -1.206  1.878   -12.155 1.00 57.53  ? 2033 HOH B O     1 
HETATM 549 O  O     . HOH G 4 .  ? -4.772  7.714   3.016   1.00 54.99  ? 2034 HOH B O     1 
HETATM 550 O  O     . HOH G 4 .  ? -17.157 -1.693  0.008   1.00 71.31  ? 2041 HOH B O     1 
HETATM 551 O  O     . HOH G 4 .  ? -6.687  -0.873  5.712   0.50 48.51  ? 2044 HOH B O     1 
HETATM 552 O  O     . HOH G 4 .  ? 5.376   -2.584  11.413  1.00 66.52  ? 2045 HOH B O     1 
HETATM 553 O  O     . HOH G 4 .  ? 0.832   4.034   -7.646  0.50 52.20  ? 2046 HOH B O     1 
HETATM 554 O  O     . HOH G 4 .  ? -11.812 0.425   1.102   1.00 69.54  ? 2048 HOH B O     1 
HETATM 555 O  O     . HOH G 4 .  ? -12.255 5.154   5.691   1.00 79.96  ? 2050 HOH B O     1 
# 
